data_8T46
#
_entry.id   8T46
#
_cell.length_a   1.00
_cell.length_b   1.00
_cell.length_c   1.00
_cell.angle_alpha   90.00
_cell.angle_beta   90.00
_cell.angle_gamma   90.00
#
_symmetry.space_group_name_H-M   'P 1'
#
loop_
_entity.id
_entity.type
_entity.pdbx_description
1 polymer 'Antigen peptide transporter 1'
2 polymer 'Antigen peptide transporter 2'
#
loop_
_entity_poly.entity_id
_entity_poly.type
_entity_poly.pdbx_seq_one_letter_code
_entity_poly.pdbx_strand_id
1 'polypeptide(L)'
;MASSRCPAPRGCRCLPGASLAWLGTVLLLLADWVLLRTALPRIFSLLVPTALPLLRVWAVGLSRWAVLWLGACGVLRATV
GSKSENAGAQGWLAALKPLAAALGLALPGLALFRELISWGAPGSADSTRLLHWGSHPTAFVVSYAAALPAAALWHKLGSL
WVPGGQGGSGNPVRRLLGCLGSETRRLSLFLVLVVLSSLGEMAIPFFTGRLTDWILQDGSADTFTRNLTLMSILTIASAV
LEFVGDGIYNNTMGHVHSHLQGEVFGAVLRQETEFFQQNQTGNIMSRVTEDTSTLSDSLSENLSLFLWYLVRGLCLLGIM
LWGSVSLTMVTLITLPLLFLLPKKVGKWYQLLEVQVRESLAKSSQVAIEALSAMPTVRSFANEEGEAQKFREKLQEIKTL
NQKEAVAYAVNSWTTSISGMLLKVGILYIGGQLVTSGAVSSGNLVTFVLYQMQFTQAVEVLLSIYPRVQKAVGSSEKIFE
YLDRTPRCPPSGLLTPLHLEGLVQFQDVSFAYPNRPDVLVLQGLTFTLRPGEVTALVGPNGSGKSTVAALLQNLYQPTGG
QLLLDGKPLPQYEHRYLHRQVAAVGQEPQVFGRSLQENIAYGLTQKPTMEEITAAAVKSGAHSFISGLPQGYDTEVDEAG
SQLSGGQRQAVALARALIRKPCVLILDDATSALDANSQLQVEQLLYESPERYSRSVLLITQHLSLVEQADHILFLEGGAI
REGGTHQQLMEKKGCYWAMVQAPADAPE
;
A
2 'polypeptide(L)'
;MRLPDLRPWTSLLLVDAALLWLLQGPLGTLLPQGLPGLWLEGTLRLGGLWGLLKLRGLLGFVGTLLLPLCLATPLTVSLR
ALVAGASRAPPARVASAPWSWLLVGYGAAGLSWSLWAVLSPPGAQEKEQDQVNNKVLMWRLLKLSRPDLPLLVAAFFFLV
LAVLGETLIPHYSGRVIDILGGDFDPHAFASAIFFMCLFSFGSSLSAGCRGGCFTYTMSRINLRIREQLFSSLLRQDLGF
FQETKTGELNSRLSSDTTLMSNWLPLNANVLLRSLVKVVGLYGFMLSISPRLTLLSLLHMPFTIAAEKVYNTRHQEVLRE
IQDAVARAGQVVREAVGGLQTVRSFGAEEHEVCRYKEALEQCRQLYWRRDLERALYLLVRRVLHLGVQMLMLSCGLQQMQ
DGELTQGSLLSFMIYQESVGSYVQTLVYIYGDMLSNVGAAEKVFSYMDRQPNLPSPGTLAPTTLQGVVKFQDVSFAYPNR
PDRPVLKGLTFTLRPGEVTALVGPNGSGKSTVAALLQNLYQPTGGQVLLDEKPISQYEHCYLHSQVVSVGQEPVLFSGSV
RNNIAYGLQSCEDDKVMAAAQAAHADDFIQEMEHGIYTDVGEKGSQLAAGQKQRLAIARALVRDPRVLILDEATSALDVQ
CEQALQDWNSRGDRTVLVIAHRLQTVQRAHQILVLQEGKLQKLAQL
;
B
#
# COMPACT_ATOMS: atom_id res chain seq x y z
N VAL A 173 8.18 -26.27 1.69
CA VAL A 173 8.15 -27.71 1.90
C VAL A 173 8.48 -28.45 0.61
N ARG A 174 8.03 -29.71 0.52
CA ARG A 174 8.29 -30.52 -0.66
C ARG A 174 7.51 -30.07 -1.88
N ARG A 175 6.54 -29.15 -1.72
CA ARG A 175 5.76 -28.68 -2.85
C ARG A 175 6.63 -27.93 -3.86
N LEU A 176 7.54 -27.08 -3.36
CA LEU A 176 8.42 -26.33 -4.25
C LEU A 176 9.36 -27.26 -5.01
N LEU A 177 9.91 -28.27 -4.32
CA LEU A 177 10.75 -29.25 -4.99
C LEU A 177 9.98 -30.03 -6.04
N GLY A 178 8.74 -30.42 -5.72
CA GLY A 178 7.93 -31.14 -6.69
C GLY A 178 7.59 -30.32 -7.91
N CYS A 179 7.31 -29.02 -7.71
CA CYS A 179 6.99 -28.17 -8.85
C CYS A 179 8.24 -27.80 -9.65
N LEU A 180 9.42 -27.78 -9.02
CA LEU A 180 10.64 -27.53 -9.76
C LEU A 180 11.24 -28.78 -10.38
N GLY A 181 10.76 -29.97 -10.02
CA GLY A 181 11.34 -31.21 -10.51
C GLY A 181 11.18 -31.44 -12.01
N SER A 182 10.32 -30.65 -12.67
CA SER A 182 10.15 -30.82 -14.11
C SER A 182 11.38 -30.39 -14.89
N GLU A 183 12.19 -29.51 -14.30
CA GLU A 183 13.35 -28.95 -15.01
C GLU A 183 14.68 -29.48 -14.49
N THR A 184 14.69 -30.64 -13.82
CA THR A 184 15.90 -31.20 -13.23
C THR A 184 16.98 -31.47 -14.26
N ARG A 185 16.57 -31.90 -15.46
CA ARG A 185 17.47 -32.22 -16.55
C ARG A 185 18.32 -31.00 -16.92
N ARG A 186 17.74 -29.80 -16.81
CA ARG A 186 18.50 -28.58 -17.06
C ARG A 186 19.07 -27.97 -15.80
N LEU A 187 18.47 -28.24 -14.64
CA LEU A 187 19.01 -27.68 -13.39
C LEU A 187 20.32 -28.33 -13.00
N SER A 188 20.49 -29.62 -13.29
CA SER A 188 21.78 -30.27 -13.02
C SER A 188 22.88 -29.66 -13.87
N LEU A 189 22.58 -29.39 -15.15
CA LEU A 189 23.53 -28.70 -16.01
C LEU A 189 23.82 -27.30 -15.50
N PHE A 190 22.80 -26.62 -14.98
CA PHE A 190 23.01 -25.30 -14.40
C PHE A 190 23.94 -25.36 -13.19
N LEU A 191 23.78 -26.38 -12.34
CA LEU A 191 24.68 -26.53 -11.20
C LEU A 191 26.10 -26.81 -11.63
N VAL A 192 26.27 -27.64 -12.66
CA VAL A 192 27.61 -27.90 -13.20
C VAL A 192 28.24 -26.60 -13.70
N LEU A 193 27.47 -25.81 -14.44
CA LEU A 193 27.97 -24.53 -14.94
C LEU A 193 28.31 -23.58 -13.80
N VAL A 194 27.50 -23.56 -12.74
CA VAL A 194 27.73 -22.62 -11.66
C VAL A 194 28.98 -22.99 -10.86
N VAL A 195 29.23 -24.30 -10.66
CA VAL A 195 30.45 -24.66 -9.94
C VAL A 195 31.67 -24.43 -10.83
N LEU A 196 31.55 -24.64 -12.15
CA LEU A 196 32.66 -24.35 -13.04
C LEU A 196 32.99 -22.86 -13.03
N SER A 197 31.95 -22.01 -13.06
CA SER A 197 32.19 -20.56 -13.04
C SER A 197 32.78 -20.12 -11.70
N SER A 198 32.31 -20.69 -10.60
CA SER A 198 32.86 -20.33 -9.29
C SER A 198 34.32 -20.73 -9.18
N LEU A 199 34.68 -21.91 -9.70
CA LEU A 199 36.08 -22.31 -9.71
C LEU A 199 36.92 -21.39 -10.60
N GLY A 200 36.36 -20.94 -11.72
CA GLY A 200 37.18 -20.16 -12.67
C GLY A 200 37.52 -18.75 -12.22
N GLU A 201 36.58 -18.02 -11.63
CA GLU A 201 36.81 -16.59 -11.29
C GLU A 201 37.95 -16.42 -10.27
N MET A 202 38.03 -17.29 -9.27
CA MET A 202 39.03 -17.09 -8.19
C MET A 202 40.46 -17.32 -8.69
N ALA A 203 40.70 -17.24 -10.00
CA ALA A 203 42.10 -17.42 -10.41
C ALA A 203 42.92 -16.14 -10.36
N ILE A 204 42.30 -14.98 -10.14
CA ILE A 204 43.03 -13.72 -10.17
C ILE A 204 43.94 -13.55 -8.95
N PRO A 205 43.47 -13.63 -7.70
CA PRO A 205 44.40 -13.41 -6.58
C PRO A 205 45.46 -14.49 -6.46
N PHE A 206 45.12 -15.74 -6.78
CA PHE A 206 46.08 -16.83 -6.74
C PHE A 206 47.26 -16.56 -7.66
N PHE A 207 46.98 -16.21 -8.91
CA PHE A 207 48.04 -15.90 -9.85
C PHE A 207 48.74 -14.60 -9.49
N THR A 208 48.03 -13.66 -8.86
CA THR A 208 48.68 -12.43 -8.39
C THR A 208 49.77 -12.75 -7.38
N GLY A 209 49.45 -13.55 -6.37
CA GLY A 209 50.44 -13.92 -5.37
C GLY A 209 51.55 -14.78 -5.95
N ARG A 210 51.21 -15.73 -6.81
CA ARG A 210 52.22 -16.60 -7.40
C ARG A 210 53.19 -15.79 -8.27
N LEU A 211 52.67 -14.87 -9.07
CA LEU A 211 53.53 -14.06 -9.92
C LEU A 211 54.34 -13.06 -9.12
N THR A 212 53.79 -12.53 -8.03
CA THR A 212 54.58 -11.64 -7.18
C THR A 212 55.76 -12.37 -6.55
N ASP A 213 55.51 -13.58 -6.03
CA ASP A 213 56.61 -14.38 -5.53
C ASP A 213 57.61 -14.74 -6.64
N TRP A 214 57.10 -15.02 -7.84
CA TRP A 214 57.96 -15.39 -8.96
C TRP A 214 58.87 -14.24 -9.36
N ILE A 215 58.34 -13.02 -9.39
CA ILE A 215 59.18 -11.88 -9.79
C ILE A 215 60.11 -11.48 -8.64
N LEU A 216 59.70 -11.71 -7.39
CA LEU A 216 60.64 -11.51 -6.29
C LEU A 216 61.68 -12.61 -6.21
N GLN A 217 61.48 -13.72 -6.92
CA GLN A 217 62.43 -14.84 -6.96
C GLN A 217 63.25 -14.82 -8.25
N ASP A 218 63.22 -13.69 -8.97
CA ASP A 218 63.89 -13.51 -10.26
C ASP A 218 63.51 -14.63 -11.24
N GLY A 219 62.22 -14.64 -11.58
CA GLY A 219 61.69 -15.69 -12.43
C GLY A 219 61.90 -15.41 -13.91
N SER A 220 61.51 -16.40 -14.71
CA SER A 220 61.66 -16.33 -16.16
C SER A 220 60.44 -15.71 -16.81
N ALA A 221 60.65 -15.06 -17.96
CA ALA A 221 59.53 -14.39 -18.66
C ALA A 221 58.64 -15.45 -19.31
N ASP A 222 59.20 -16.63 -19.59
CA ASP A 222 58.40 -17.72 -20.19
C ASP A 222 57.37 -18.21 -19.18
N THR A 223 57.82 -18.45 -17.94
CA THR A 223 56.90 -18.91 -16.87
C THR A 223 55.94 -17.76 -16.52
N PHE A 224 56.27 -16.55 -16.97
CA PHE A 224 55.43 -15.36 -16.67
C PHE A 224 54.28 -15.27 -17.67
N THR A 225 54.59 -14.95 -18.94
CA THR A 225 53.55 -14.72 -19.92
C THR A 225 52.59 -15.92 -20.00
N ARG A 226 53.09 -17.13 -19.73
CA ARG A 226 52.20 -18.29 -19.68
C ARG A 226 51.18 -18.14 -18.55
N ASN A 227 51.62 -17.68 -17.37
CA ASN A 227 50.71 -17.49 -16.26
C ASN A 227 49.73 -16.37 -16.54
N LEU A 228 50.19 -15.28 -17.17
CA LEU A 228 49.28 -14.19 -17.52
C LEU A 228 48.19 -14.66 -18.46
N THR A 229 48.58 -15.38 -19.52
CA THR A 229 47.61 -15.90 -20.48
C THR A 229 46.67 -16.89 -19.82
N LEU A 230 47.18 -17.74 -18.93
CA LEU A 230 46.34 -18.72 -18.26
C LEU A 230 45.29 -18.06 -17.38
N MET A 231 45.70 -17.02 -16.62
CA MET A 231 44.73 -16.34 -15.77
C MET A 231 43.67 -15.64 -16.61
N SER A 232 44.09 -15.00 -17.71
CA SER A 232 43.11 -14.32 -18.57
C SER A 232 42.13 -15.31 -19.17
N ILE A 233 42.62 -16.45 -19.65
CA ILE A 233 41.75 -17.47 -20.24
C ILE A 233 40.78 -18.01 -19.22
N LEU A 234 41.27 -18.31 -18.00
CA LEU A 234 40.41 -18.86 -16.96
C LEU A 234 39.31 -17.88 -16.58
N THR A 235 39.65 -16.60 -16.42
CA THR A 235 38.64 -15.64 -16.00
C THR A 235 37.63 -15.36 -17.09
N ILE A 236 38.07 -15.29 -18.35
CA ILE A 236 37.14 -15.11 -19.46
C ILE A 236 36.19 -16.29 -19.56
N ALA A 237 36.71 -17.51 -19.44
CA ALA A 237 35.87 -18.70 -19.48
C ALA A 237 34.88 -18.72 -18.33
N SER A 238 35.31 -18.28 -17.14
CA SER A 238 34.40 -18.23 -16.00
C SER A 238 33.25 -17.24 -16.25
N ALA A 239 33.57 -16.07 -16.80
CA ALA A 239 32.51 -15.10 -17.09
C ALA A 239 31.52 -15.65 -18.13
N VAL A 240 32.04 -16.28 -19.18
CA VAL A 240 31.17 -16.81 -20.23
C VAL A 240 30.28 -17.92 -19.67
N LEU A 241 30.86 -18.82 -18.87
CA LEU A 241 30.08 -19.90 -18.28
C LEU A 241 29.04 -19.37 -17.30
N GLU A 242 29.36 -18.32 -16.56
CA GLU A 242 28.38 -17.70 -15.68
C GLU A 242 27.20 -17.14 -16.48
N PHE A 243 27.49 -16.48 -17.59
CA PHE A 243 26.42 -15.95 -18.43
C PHE A 243 25.53 -17.06 -18.98
N VAL A 244 26.14 -18.14 -19.47
CA VAL A 244 25.37 -19.24 -20.03
C VAL A 244 24.51 -19.91 -18.96
N GLY A 245 25.08 -20.14 -17.78
CA GLY A 245 24.31 -20.75 -16.70
C GLY A 245 23.16 -19.88 -16.25
N ASP A 246 23.39 -18.56 -16.14
CA ASP A 246 22.31 -17.66 -15.76
C ASP A 246 21.20 -17.68 -16.80
N GLY A 247 21.55 -17.67 -18.09
CA GLY A 247 20.54 -17.74 -19.11
C GLY A 247 19.71 -19.01 -19.05
N ILE A 248 20.38 -20.16 -18.84
CA ILE A 248 19.68 -21.44 -18.80
C ILE A 248 18.73 -21.49 -17.60
N TYR A 249 19.22 -21.08 -16.42
CA TYR A 249 18.39 -21.13 -15.23
C TYR A 249 17.20 -20.18 -15.35
N ASN A 250 17.43 -18.98 -15.91
CA ASN A 250 16.35 -18.03 -16.06
C ASN A 250 15.29 -18.55 -17.02
N ASN A 251 15.72 -19.19 -18.13
CA ASN A 251 14.76 -19.77 -19.06
C ASN A 251 13.89 -20.82 -18.38
N THR A 252 14.54 -21.77 -17.68
CA THR A 252 13.79 -22.86 -17.07
C THR A 252 12.83 -22.35 -15.99
N MET A 253 13.28 -21.45 -15.15
CA MET A 253 12.43 -21.07 -14.04
C MET A 253 11.36 -20.05 -14.47
N GLY A 254 11.61 -19.27 -15.52
CA GLY A 254 10.53 -18.50 -16.11
C GLY A 254 9.45 -19.38 -16.72
N HIS A 255 9.87 -20.47 -17.37
CA HIS A 255 8.90 -21.44 -17.89
C HIS A 255 8.06 -22.03 -16.76
N VAL A 256 8.71 -22.41 -15.65
CA VAL A 256 7.94 -23.01 -14.56
C VAL A 256 7.06 -21.96 -13.87
N HIS A 257 7.47 -20.69 -13.88
CA HIS A 257 6.62 -19.63 -13.34
C HIS A 257 5.37 -19.44 -14.18
N SER A 258 5.53 -19.45 -15.51
CA SER A 258 4.37 -19.32 -16.39
C SER A 258 3.44 -20.51 -16.22
N HIS A 259 3.99 -21.73 -16.12
CA HIS A 259 3.15 -22.91 -15.92
C HIS A 259 2.41 -22.83 -14.59
N LEU A 260 3.08 -22.37 -13.53
CA LEU A 260 2.43 -22.26 -12.24
C LEU A 260 1.31 -21.23 -12.27
N GLN A 261 1.52 -20.09 -12.94
CA GLN A 261 0.48 -19.08 -13.06
C GLN A 261 -0.73 -19.62 -13.81
N GLY A 262 -0.50 -20.33 -14.92
CA GLY A 262 -1.60 -20.93 -15.65
C GLY A 262 -2.36 -21.95 -14.83
N GLU A 263 -1.64 -22.80 -14.10
CA GLU A 263 -2.29 -23.83 -13.28
C GLU A 263 -3.10 -23.22 -12.15
N VAL A 264 -2.56 -22.18 -11.50
CA VAL A 264 -3.30 -21.58 -10.40
C VAL A 264 -4.53 -20.82 -10.92
N PHE A 265 -4.44 -20.23 -12.11
CA PHE A 265 -5.63 -19.60 -12.67
C PHE A 265 -6.69 -20.64 -13.02
N GLY A 266 -6.28 -21.78 -13.59
CA GLY A 266 -7.23 -22.84 -13.85
C GLY A 266 -7.88 -23.37 -12.60
N ALA A 267 -7.08 -23.53 -11.53
CA ALA A 267 -7.62 -24.01 -10.26
C ALA A 267 -8.60 -23.01 -9.66
N VAL A 268 -8.28 -21.71 -9.71
CA VAL A 268 -9.17 -20.73 -9.10
C VAL A 268 -10.41 -20.52 -9.95
N LEU A 269 -10.35 -20.81 -11.26
CA LEU A 269 -11.54 -20.75 -12.08
C LEU A 269 -12.34 -22.05 -12.07
N ARG A 270 -11.77 -23.12 -11.51
CA ARG A 270 -12.49 -24.38 -11.39
C ARG A 270 -13.33 -24.48 -10.12
N GLN A 271 -13.33 -23.44 -9.28
CA GLN A 271 -14.08 -23.48 -8.03
C GLN A 271 -15.58 -23.40 -8.31
N GLU A 272 -16.36 -23.96 -7.38
CA GLU A 272 -17.80 -24.02 -7.53
C GLU A 272 -18.44 -22.65 -7.30
N THR A 273 -19.73 -22.56 -7.63
CA THR A 273 -20.45 -21.30 -7.44
C THR A 273 -20.66 -20.98 -5.97
N GLU A 274 -20.69 -22.00 -5.11
CA GLU A 274 -20.83 -21.76 -3.68
C GLU A 274 -19.64 -20.99 -3.12
N PHE A 275 -18.43 -21.32 -3.60
CA PHE A 275 -17.25 -20.58 -3.19
C PHE A 275 -17.25 -19.16 -3.77
N PHE A 276 -17.88 -18.97 -4.92
CA PHE A 276 -17.92 -17.68 -5.59
C PHE A 276 -19.27 -16.99 -5.48
N GLN A 277 -20.15 -17.46 -4.59
CA GLN A 277 -21.44 -16.79 -4.40
C GLN A 277 -21.27 -15.43 -3.72
N GLN A 278 -20.12 -15.17 -3.10
CA GLN A 278 -19.84 -13.89 -2.46
C GLN A 278 -19.14 -12.99 -3.49
N ASN A 279 -19.89 -12.01 -4.01
CA ASN A 279 -19.30 -11.10 -5.00
C ASN A 279 -18.30 -10.15 -4.37
N GLN A 280 -18.47 -9.82 -3.08
CA GLN A 280 -17.55 -8.92 -2.40
C GLN A 280 -16.17 -9.53 -2.22
N THR A 281 -16.04 -10.85 -2.35
CA THR A 281 -14.75 -11.50 -2.35
C THR A 281 -14.00 -11.31 -3.66
N GLY A 282 -14.63 -10.72 -4.68
CA GLY A 282 -14.05 -10.53 -6.00
C GLY A 282 -12.72 -9.80 -6.00
N ASN A 283 -12.37 -9.13 -4.90
CA ASN A 283 -11.06 -8.49 -4.80
C ASN A 283 -9.94 -9.52 -4.74
N ILE A 284 -10.10 -10.57 -3.92
CA ILE A 284 -8.95 -11.38 -3.53
C ILE A 284 -8.47 -12.26 -4.69
N MET A 285 -9.40 -12.83 -5.48
CA MET A 285 -8.96 -13.50 -6.72
C MET A 285 -8.35 -12.51 -7.69
N SER A 286 -8.75 -11.23 -7.63
CA SER A 286 -8.09 -10.20 -8.41
C SER A 286 -6.66 -9.98 -7.95
N ARG A 287 -6.35 -10.29 -6.69
CA ARG A 287 -5.01 -10.04 -6.17
C ARG A 287 -4.12 -11.28 -6.19
N VAL A 288 -4.65 -12.42 -5.74
CA VAL A 288 -3.83 -13.55 -5.30
C VAL A 288 -2.89 -14.00 -6.42
N THR A 289 -3.45 -14.25 -7.61
CA THR A 289 -2.64 -14.70 -8.75
C THR A 289 -1.52 -13.71 -9.03
N GLU A 290 -1.87 -12.41 -9.08
CA GLU A 290 -0.86 -11.38 -9.28
C GLU A 290 0.22 -11.46 -8.21
N ASP A 291 -0.20 -11.57 -6.93
CA ASP A 291 0.79 -11.72 -5.87
C ASP A 291 1.64 -12.96 -6.08
N THR A 292 0.99 -14.07 -6.46
CA THR A 292 1.71 -15.29 -6.77
C THR A 292 2.79 -15.02 -7.79
N SER A 293 2.44 -14.28 -8.85
CA SER A 293 3.40 -13.88 -9.87
C SER A 293 4.61 -13.23 -9.23
N THR A 294 4.40 -12.11 -8.53
CA THR A 294 5.56 -11.39 -8.01
C THR A 294 6.25 -12.22 -6.94
N LEU A 295 5.48 -13.07 -6.22
CA LEU A 295 6.10 -13.96 -5.24
C LEU A 295 7.17 -14.79 -5.91
N SER A 296 6.80 -15.48 -7.01
CA SER A 296 7.76 -16.29 -7.72
C SER A 296 8.91 -15.43 -8.19
N ASP A 297 8.59 -14.25 -8.74
CA ASP A 297 9.62 -13.35 -9.24
C ASP A 297 10.63 -13.06 -8.15
N SER A 298 10.15 -12.66 -6.97
CA SER A 298 11.06 -12.36 -5.87
C SER A 298 11.89 -13.58 -5.54
N LEU A 299 11.21 -14.71 -5.31
CA LEU A 299 11.90 -15.95 -4.97
C LEU A 299 12.92 -16.29 -6.02
N SER A 300 12.57 -16.06 -7.29
CA SER A 300 13.45 -16.33 -8.41
C SER A 300 14.82 -15.73 -8.17
N GLU A 301 14.87 -14.39 -8.09
CA GLU A 301 16.16 -13.73 -7.95
C GLU A 301 16.84 -14.21 -6.69
N ASN A 302 16.08 -14.28 -5.60
CA ASN A 302 16.64 -14.65 -4.31
C ASN A 302 17.31 -16.00 -4.40
N LEU A 303 16.60 -16.98 -4.96
CA LEU A 303 17.14 -18.34 -5.00
C LEU A 303 18.45 -18.34 -5.74
N SER A 304 18.46 -17.73 -6.94
CA SER A 304 19.66 -17.70 -7.75
C SER A 304 20.80 -17.08 -6.96
N LEU A 305 20.55 -15.89 -6.42
CA LEU A 305 21.59 -15.17 -5.70
C LEU A 305 22.14 -16.03 -4.58
N PHE A 306 21.24 -16.58 -3.76
CA PHE A 306 21.66 -17.37 -2.63
C PHE A 306 22.52 -18.52 -3.09
N LEU A 307 22.00 -19.31 -4.04
CA LEU A 307 22.70 -20.50 -4.45
C LEU A 307 24.05 -20.13 -5.04
N TRP A 308 24.06 -19.06 -5.85
CA TRP A 308 25.29 -18.59 -6.47
C TRP A 308 26.35 -18.39 -5.40
N TYR A 309 26.06 -17.51 -4.45
CA TYR A 309 27.09 -17.16 -3.50
C TYR A 309 27.45 -18.33 -2.62
N LEU A 310 26.48 -19.21 -2.35
CA LEU A 310 26.75 -20.38 -1.54
C LEU A 310 27.87 -21.19 -2.17
N VAL A 311 27.72 -21.52 -3.45
CA VAL A 311 28.74 -22.30 -4.14
C VAL A 311 30.05 -21.52 -4.13
N ARG A 312 29.96 -20.22 -4.45
CA ARG A 312 31.15 -19.38 -4.48
C ARG A 312 31.82 -19.39 -3.12
N GLY A 313 31.04 -19.22 -2.06
CA GLY A 313 31.61 -19.22 -0.72
C GLY A 313 32.34 -20.51 -0.44
N LEU A 314 31.69 -21.63 -0.75
CA LEU A 314 32.32 -22.93 -0.48
C LEU A 314 33.61 -23.05 -1.26
N CYS A 315 33.60 -22.63 -2.54
CA CYS A 315 34.78 -22.75 -3.36
C CYS A 315 35.93 -21.96 -2.76
N LEU A 316 35.63 -20.75 -2.28
CA LEU A 316 36.66 -19.92 -1.67
C LEU A 316 37.27 -20.65 -0.48
N LEU A 317 36.40 -21.19 0.37
CA LEU A 317 36.87 -21.88 1.57
C LEU A 317 37.78 -23.03 1.20
N GLY A 318 37.43 -23.75 0.13
CA GLY A 318 38.25 -24.87 -0.29
C GLY A 318 39.67 -24.45 -0.60
N ILE A 319 39.82 -23.38 -1.38
CA ILE A 319 41.16 -22.93 -1.73
C ILE A 319 41.85 -22.39 -0.49
N MET A 320 41.08 -21.77 0.40
CA MET A 320 41.68 -21.29 1.65
C MET A 320 42.11 -22.47 2.51
N LEU A 321 41.35 -23.56 2.47
CA LEU A 321 41.79 -24.78 3.14
C LEU A 321 43.03 -25.34 2.49
N TRP A 322 43.24 -25.07 1.20
CA TRP A 322 44.47 -25.47 0.54
C TRP A 322 45.60 -24.48 0.80
N GLY A 323 45.29 -23.29 1.31
CA GLY A 323 46.33 -22.32 1.59
C GLY A 323 47.07 -22.61 2.87
N SER A 324 46.35 -22.51 4.00
CA SER A 324 46.94 -22.82 5.30
C SER A 324 45.78 -23.10 6.26
N VAL A 325 45.66 -24.35 6.70
CA VAL A 325 44.57 -24.71 7.61
C VAL A 325 44.76 -24.05 8.97
N SER A 326 46.01 -23.98 9.45
CA SER A 326 46.29 -23.42 10.77
C SER A 326 45.99 -21.93 10.85
N LEU A 327 45.85 -21.26 9.72
CA LEU A 327 45.50 -19.85 9.75
C LEU A 327 44.04 -19.63 9.39
N THR A 328 43.47 -20.45 8.50
CA THR A 328 42.06 -20.34 8.16
C THR A 328 41.17 -20.81 9.30
N MET A 329 41.70 -21.57 10.25
CA MET A 329 40.93 -21.86 11.45
C MET A 329 40.59 -20.59 12.22
N VAL A 330 41.49 -19.60 12.17
CA VAL A 330 41.24 -18.32 12.83
C VAL A 330 40.08 -17.59 12.18
N THR A 331 40.08 -17.50 10.84
CA THR A 331 39.01 -16.80 10.15
C THR A 331 37.72 -17.62 10.10
N LEU A 332 37.77 -18.91 10.43
CA LEU A 332 36.53 -19.66 10.61
C LEU A 332 35.96 -19.47 12.00
N ILE A 333 36.82 -19.45 13.02
CA ILE A 333 36.37 -19.27 14.40
C ILE A 333 35.84 -17.86 14.62
N THR A 334 36.48 -16.87 14.00
CA THR A 334 36.14 -15.47 14.24
C THR A 334 34.76 -15.11 13.68
N LEU A 335 34.39 -15.70 12.54
CA LEU A 335 33.19 -15.30 11.79
C LEU A 335 31.89 -15.31 12.60
N PRO A 336 31.60 -16.30 13.45
CA PRO A 336 30.41 -16.14 14.33
C PRO A 336 30.51 -14.94 15.26
N LEU A 337 31.70 -14.62 15.76
CA LEU A 337 31.85 -13.50 16.67
C LEU A 337 31.58 -12.17 15.99
N LEU A 338 31.77 -12.09 14.68
CA LEU A 338 31.49 -10.86 13.95
C LEU A 338 30.15 -10.89 13.22
N PHE A 339 29.47 -12.03 13.17
CA PHE A 339 28.18 -12.12 12.51
C PHE A 339 27.00 -12.33 13.44
N LEU A 340 27.24 -12.67 14.71
CA LEU A 340 26.15 -12.81 15.66
C LEU A 340 26.12 -11.70 16.69
N LEU A 341 27.27 -11.09 16.96
CA LEU A 341 27.32 -9.98 17.90
C LEU A 341 26.47 -8.77 17.47
N PRO A 342 26.50 -8.31 16.21
CA PRO A 342 25.54 -7.26 15.83
C PRO A 342 24.10 -7.68 15.98
N LYS A 343 23.79 -8.96 15.72
CA LYS A 343 22.43 -9.45 15.88
C LYS A 343 21.98 -9.39 17.34
N LYS A 344 22.88 -9.74 18.27
CA LYS A 344 22.54 -9.66 19.68
C LYS A 344 22.44 -8.21 20.14
N VAL A 345 23.30 -7.34 19.61
CA VAL A 345 23.32 -5.95 20.04
C VAL A 345 22.07 -5.21 19.55
N GLY A 346 21.66 -5.46 18.30
CA GLY A 346 20.60 -4.70 17.68
C GLY A 346 19.22 -4.87 18.29
N LYS A 347 19.04 -5.87 19.16
CA LYS A 347 17.74 -6.04 19.81
C LYS A 347 17.40 -4.87 20.72
N TRP A 348 18.40 -4.33 21.42
CA TRP A 348 18.19 -3.15 22.26
C TRP A 348 17.75 -1.96 21.42
N TYR A 349 18.41 -1.75 20.27
CA TYR A 349 18.04 -0.66 19.38
C TYR A 349 16.63 -0.86 18.82
N GLN A 350 16.28 -2.10 18.47
CA GLN A 350 14.95 -2.37 17.95
C GLN A 350 13.87 -2.13 19.01
N LEU A 351 14.13 -2.54 20.26
CA LEU A 351 13.17 -2.30 21.32
C LEU A 351 12.99 -0.81 21.58
N LEU A 352 14.08 -0.05 21.59
CA LEU A 352 13.95 1.40 21.76
C LEU A 352 13.22 2.04 20.60
N GLU A 353 13.44 1.55 19.37
CA GLU A 353 12.70 2.04 18.22
C GLU A 353 11.21 1.75 18.36
N VAL A 354 10.87 0.57 18.88
CA VAL A 354 9.46 0.21 19.08
C VAL A 354 8.82 1.16 20.09
N GLN A 355 9.54 1.43 21.19
CA GLN A 355 9.01 2.36 22.19
C GLN A 355 8.85 3.77 21.63
N VAL A 356 9.81 4.22 20.82
CA VAL A 356 9.74 5.55 20.22
C VAL A 356 8.54 5.64 19.29
N ARG A 357 8.33 4.61 18.45
CA ARG A 357 7.20 4.63 17.54
C ARG A 357 5.88 4.59 18.29
N GLU A 358 5.80 3.84 19.39
CA GLU A 358 4.57 3.81 20.17
C GLU A 358 4.27 5.17 20.78
N SER A 359 5.29 5.84 21.33
CA SER A 359 5.08 7.17 21.90
C SER A 359 4.68 8.16 20.82
N LEU A 360 5.30 8.08 19.64
CA LEU A 360 4.94 8.96 18.54
C LEU A 360 3.49 8.73 18.10
N ALA A 361 3.06 7.47 18.05
CA ALA A 361 1.68 7.16 17.69
C ALA A 361 0.71 7.70 18.73
N LYS A 362 1.05 7.61 20.01
CA LYS A 362 0.18 8.17 21.04
C LYS A 362 0.08 9.68 20.94
N SER A 363 1.21 10.35 20.69
CA SER A 363 1.18 11.81 20.52
C SER A 363 0.37 12.21 19.31
N SER A 364 0.51 11.47 18.19
CA SER A 364 -0.29 11.75 17.01
C SER A 364 -1.77 11.51 17.26
N GLN A 365 -2.10 10.49 18.07
CA GLN A 365 -3.49 10.26 18.43
C GLN A 365 -4.06 11.43 19.22
N VAL A 366 -3.28 11.96 20.17
CA VAL A 366 -3.74 13.12 20.93
C VAL A 366 -3.94 14.32 20.01
N ALA A 367 -3.00 14.53 19.08
CA ALA A 367 -3.12 15.63 18.13
C ALA A 367 -4.36 15.48 17.26
N ILE A 368 -4.66 14.26 16.81
CA ILE A 368 -5.83 14.03 15.97
C ILE A 368 -7.11 14.22 16.78
N GLU A 369 -7.10 13.81 18.04
CA GLU A 369 -8.26 14.04 18.91
C GLU A 369 -8.52 15.53 19.07
N ALA A 370 -7.46 16.32 19.23
CA ALA A 370 -7.65 17.77 19.29
C ALA A 370 -8.09 18.35 17.94
N LEU A 371 -7.63 17.75 16.84
CA LEU A 371 -7.94 18.29 15.51
C LEU A 371 -9.39 18.05 15.14
N SER A 372 -9.93 16.86 15.48
CA SER A 372 -11.27 16.52 15.05
C SER A 372 -12.35 17.35 15.74
N ALA A 373 -12.03 17.98 16.86
CA ALA A 373 -12.99 18.78 17.62
C ALA A 373 -12.75 20.27 17.44
N MET A 374 -12.44 20.68 16.21
CA MET A 374 -12.20 22.09 15.92
C MET A 374 -13.34 23.05 16.30
N PRO A 375 -14.62 22.75 16.06
CA PRO A 375 -15.67 23.70 16.49
C PRO A 375 -15.62 24.06 17.97
N THR A 376 -15.52 23.07 18.87
CA THR A 376 -15.56 23.40 20.29
C THR A 376 -14.27 24.05 20.76
N VAL A 377 -13.12 23.63 20.22
CA VAL A 377 -11.87 24.23 20.66
C VAL A 377 -11.74 25.65 20.14
N ARG A 378 -12.31 25.95 18.97
CA ARG A 378 -12.33 27.33 18.52
C ARG A 378 -13.39 28.13 19.26
N SER A 379 -14.45 27.46 19.74
CA SER A 379 -15.46 28.15 20.53
C SER A 379 -14.94 28.50 21.91
N PHE A 380 -13.98 27.75 22.43
CA PHE A 380 -13.41 28.03 23.73
C PHE A 380 -12.04 28.71 23.67
N ALA A 381 -11.48 28.87 22.46
CA ALA A 381 -10.19 29.54 22.23
C ALA A 381 -9.08 28.87 23.04
N ASN A 382 -8.82 27.60 22.72
CA ASN A 382 -7.85 26.81 23.44
C ASN A 382 -6.82 26.18 22.50
N GLU A 383 -6.48 26.87 21.41
CA GLU A 383 -5.45 26.37 20.50
C GLU A 383 -4.09 26.33 21.18
N GLU A 384 -3.79 27.33 22.00
CA GLU A 384 -2.51 27.36 22.71
C GLU A 384 -2.40 26.21 23.69
N GLY A 385 -3.51 25.83 24.32
CA GLY A 385 -3.48 24.68 25.21
C GLY A 385 -3.16 23.39 24.50
N GLU A 386 -3.73 23.17 23.32
CA GLU A 386 -3.44 21.97 22.55
C GLU A 386 -2.01 21.98 22.04
N ALA A 387 -1.51 23.16 21.64
CA ALA A 387 -0.11 23.27 21.24
C ALA A 387 0.81 22.93 22.41
N GLN A 388 0.46 23.40 23.60
CA GLN A 388 1.26 23.10 24.78
C GLN A 388 1.24 21.61 25.10
N LYS A 389 0.08 20.97 24.98
CA LYS A 389 0.00 19.53 25.22
C LYS A 389 0.84 18.74 24.23
N PHE A 390 0.79 19.14 22.95
CA PHE A 390 1.61 18.48 21.93
C PHE A 390 3.10 18.67 22.22
N ARG A 391 3.49 19.88 22.63
CA ARG A 391 4.88 20.14 22.97
C ARG A 391 5.31 19.30 24.17
N GLU A 392 4.41 19.12 25.14
CA GLU A 392 4.71 18.29 26.30
C GLU A 392 4.94 16.84 25.88
N LYS A 393 4.10 16.32 24.98
CA LYS A 393 4.30 14.95 24.49
C LYS A 393 5.64 14.82 23.76
N LEU A 394 5.99 15.80 22.94
CA LEU A 394 7.26 15.74 22.22
C LEU A 394 8.44 15.81 23.18
N GLN A 395 8.35 16.64 24.22
CA GLN A 395 9.39 16.68 25.24
C GLN A 395 9.50 15.36 25.98
N GLU A 396 8.39 14.65 26.15
CA GLU A 396 8.45 13.30 26.72
C GLU A 396 9.17 12.34 25.79
N ILE A 397 8.94 12.46 24.48
CA ILE A 397 9.56 11.54 23.52
C ILE A 397 11.07 11.82 23.34
N LYS A 398 11.51 13.04 23.66
CA LYS A 398 12.91 13.42 23.43
C LYS A 398 13.89 12.51 24.17
N THR A 399 13.56 12.08 25.38
CA THR A 399 14.46 11.20 26.14
C THR A 399 14.63 9.86 25.45
N LEU A 400 13.53 9.28 24.96
CA LEU A 400 13.60 8.04 24.22
C LEU A 400 14.41 8.22 22.93
N ASN A 401 14.31 9.40 22.31
CA ASN A 401 15.15 9.68 21.14
C ASN A 401 16.63 9.67 21.50
N GLN A 402 16.97 10.25 22.65
CA GLN A 402 18.37 10.24 23.10
C GLN A 402 18.87 8.82 23.33
N LYS A 403 18.07 7.99 24.00
CA LYS A 403 18.48 6.62 24.24
C LYS A 403 18.60 5.83 22.94
N GLU A 404 17.71 6.10 21.99
CA GLU A 404 17.81 5.49 20.67
C GLU A 404 19.11 5.86 19.97
N ALA A 405 19.50 7.13 20.06
CA ALA A 405 20.75 7.56 19.44
C ALA A 405 21.95 6.86 20.07
N VAL A 406 21.95 6.74 21.40
CA VAL A 406 23.06 6.06 22.09
C VAL A 406 23.14 4.61 21.67
N ALA A 407 21.98 3.92 21.61
CA ALA A 407 21.98 2.51 21.22
C ALA A 407 22.47 2.32 19.79
N TYR A 408 22.04 3.20 18.88
CA TYR A 408 22.50 3.08 17.50
C TYR A 408 24.00 3.35 17.38
N ALA A 409 24.51 4.29 18.17
CA ALA A 409 25.95 4.55 18.16
C ALA A 409 26.73 3.33 18.63
N VAL A 410 26.26 2.68 19.70
CA VAL A 410 26.95 1.50 20.21
C VAL A 410 26.90 0.38 19.17
N ASN A 411 25.75 0.19 18.53
CA ASN A 411 25.62 -0.86 17.52
C ASN A 411 26.54 -0.61 16.33
N SER A 412 26.62 0.64 15.87
CA SER A 412 27.52 0.96 14.76
C SER A 412 28.97 0.72 15.15
N TRP A 413 29.35 1.12 16.36
CA TRP A 413 30.73 0.93 16.81
C TRP A 413 31.09 -0.55 16.86
N THR A 414 30.22 -1.38 17.42
CA THR A 414 30.58 -2.78 17.55
C THR A 414 30.55 -3.49 16.19
N THR A 415 29.61 -3.13 15.31
CA THR A 415 29.60 -3.75 13.99
C THR A 415 30.73 -3.25 13.11
N SER A 416 31.38 -2.15 13.48
CA SER A 416 32.60 -1.76 12.77
C SER A 416 33.82 -2.48 13.33
N ILE A 417 33.97 -2.51 14.66
CA ILE A 417 35.19 -3.03 15.24
C ILE A 417 35.24 -4.55 15.14
N SER A 418 34.09 -5.21 15.05
CA SER A 418 34.08 -6.66 14.91
C SER A 418 34.73 -7.10 13.60
N GLY A 419 34.42 -6.41 12.51
CA GLY A 419 35.03 -6.74 11.24
C GLY A 419 36.38 -6.11 11.01
N MET A 420 36.64 -4.96 11.66
CA MET A 420 37.90 -4.27 11.42
C MET A 420 39.06 -4.94 12.16
N LEU A 421 38.81 -5.46 13.36
CA LEU A 421 39.90 -6.03 14.15
C LEU A 421 40.35 -7.39 13.66
N LEU A 422 39.51 -8.10 12.90
CA LEU A 422 39.91 -9.40 12.36
C LEU A 422 41.03 -9.25 11.35
N LYS A 423 40.98 -8.18 10.54
CA LYS A 423 42.01 -7.95 9.54
C LYS A 423 43.38 -7.69 10.14
N VAL A 424 43.43 -7.32 11.42
CA VAL A 424 44.70 -7.23 12.13
C VAL A 424 45.17 -8.60 12.59
N GLY A 425 44.26 -9.40 13.14
CA GLY A 425 44.65 -10.70 13.67
C GLY A 425 45.11 -11.67 12.59
N ILE A 426 44.46 -11.62 11.42
CA ILE A 426 44.87 -12.49 10.33
C ILE A 426 46.28 -12.14 9.86
N LEU A 427 46.59 -10.84 9.80
CA LEU A 427 47.94 -10.44 9.40
C LEU A 427 48.96 -10.77 10.47
N TYR A 428 48.59 -10.69 11.75
CA TYR A 428 49.52 -11.05 12.81
C TYR A 428 49.86 -12.54 12.77
N ILE A 429 48.84 -13.39 12.66
CA ILE A 429 49.11 -14.82 12.61
C ILE A 429 49.81 -15.19 11.31
N GLY A 430 49.53 -14.47 10.21
CA GLY A 430 50.26 -14.70 8.98
C GLY A 430 51.72 -14.32 9.09
N GLY A 431 52.01 -13.23 9.80
CA GLY A 431 53.40 -12.87 10.05
C GLY A 431 54.11 -13.89 10.91
N GLN A 432 53.43 -14.42 11.93
CA GLN A 432 53.99 -15.48 12.74
C GLN A 432 54.31 -16.72 11.90
N LEU A 433 53.38 -17.11 11.02
CA LEU A 433 53.60 -18.26 10.16
C LEU A 433 54.75 -18.02 9.18
N VAL A 434 54.80 -16.83 8.58
CA VAL A 434 55.81 -16.53 7.57
C VAL A 434 57.20 -16.51 8.20
N THR A 435 57.33 -15.89 9.38
CA THR A 435 58.60 -15.95 10.10
C THR A 435 58.94 -17.39 10.50
N SER A 436 57.92 -18.18 10.87
CA SER A 436 58.13 -19.60 11.11
C SER A 436 58.49 -20.37 9.85
N GLY A 437 58.29 -19.80 8.67
CA GLY A 437 58.67 -20.44 7.43
C GLY A 437 57.64 -21.40 6.86
N ALA A 438 56.43 -21.43 7.40
CA ALA A 438 55.40 -22.33 6.89
C ALA A 438 54.96 -21.91 5.49
N VAL A 439 54.62 -20.65 5.31
CA VAL A 439 54.13 -20.14 4.02
C VAL A 439 54.97 -18.94 3.62
N SER A 440 54.85 -18.55 2.35
CA SER A 440 55.57 -17.42 1.81
C SER A 440 54.67 -16.18 1.82
N SER A 441 55.25 -15.05 1.41
CA SER A 441 54.52 -13.79 1.42
C SER A 441 53.39 -13.79 0.40
N GLY A 442 53.62 -14.39 -0.77
CA GLY A 442 52.59 -14.44 -1.79
C GLY A 442 51.37 -15.21 -1.34
N ASN A 443 51.56 -16.29 -0.59
CA ASN A 443 50.43 -17.02 -0.01
C ASN A 443 49.65 -16.13 0.94
N LEU A 444 50.34 -15.30 1.71
CA LEU A 444 49.67 -14.37 2.61
C LEU A 444 48.85 -13.34 1.83
N VAL A 445 49.39 -12.85 0.71
CA VAL A 445 48.66 -11.89 -0.11
C VAL A 445 47.40 -12.53 -0.70
N THR A 446 47.55 -13.75 -1.24
CA THR A 446 46.40 -14.46 -1.80
C THR A 446 45.35 -14.70 -0.72
N PHE A 447 45.81 -15.10 0.47
CA PHE A 447 44.87 -15.36 1.58
C PHE A 447 44.11 -14.08 1.89
N VAL A 448 44.85 -12.98 2.08
CA VAL A 448 44.19 -11.72 2.44
C VAL A 448 43.09 -11.39 1.44
N LEU A 449 43.40 -11.51 0.15
CA LEU A 449 42.39 -11.22 -0.87
C LEU A 449 41.22 -12.21 -0.79
N TYR A 450 41.51 -13.49 -0.58
CA TYR A 450 40.47 -14.50 -0.48
C TYR A 450 39.60 -14.27 0.74
N GLN A 451 40.20 -13.87 1.86
CA GLN A 451 39.43 -13.59 3.06
C GLN A 451 38.51 -12.40 2.87
N MET A 452 38.98 -11.37 2.16
CA MET A 452 38.12 -10.22 1.86
C MET A 452 36.93 -10.65 1.01
N GLN A 453 37.19 -11.42 -0.05
CA GLN A 453 36.10 -11.86 -0.92
C GLN A 453 35.12 -12.78 -0.18
N PHE A 454 35.66 -13.68 0.66
CA PHE A 454 34.82 -14.60 1.42
C PHE A 454 33.95 -13.85 2.42
N THR A 455 34.52 -12.85 3.09
CA THR A 455 33.73 -12.04 4.02
C THR A 455 32.61 -11.32 3.29
N GLN A 456 32.90 -10.75 2.12
CA GLN A 456 31.87 -10.09 1.33
C GLN A 456 30.76 -11.07 0.93
N ALA A 457 31.15 -12.26 0.46
CA ALA A 457 30.17 -13.24 0.02
C ALA A 457 29.28 -13.72 1.15
N VAL A 458 29.88 -14.02 2.31
CA VAL A 458 29.09 -14.48 3.46
C VAL A 458 28.18 -13.36 3.97
N GLU A 459 28.69 -12.12 3.98
CA GLU A 459 27.89 -11.00 4.44
C GLU A 459 26.67 -10.79 3.56
N VAL A 460 26.83 -10.90 2.24
CA VAL A 460 25.67 -10.74 1.36
C VAL A 460 24.73 -11.95 1.49
N LEU A 461 25.30 -13.16 1.59
CA LEU A 461 24.48 -14.37 1.64
C LEU A 461 23.61 -14.40 2.88
N LEU A 462 24.11 -13.93 4.02
CA LEU A 462 23.30 -13.89 5.23
C LEU A 462 22.14 -12.92 5.15
N SER A 463 22.12 -12.02 4.17
CA SER A 463 21.05 -11.05 4.01
C SER A 463 19.92 -11.55 3.11
N ILE A 464 20.01 -12.78 2.61
CA ILE A 464 18.99 -13.31 1.71
C ILE A 464 18.02 -14.26 2.40
N TYR A 465 18.42 -14.84 3.54
CA TYR A 465 17.58 -15.84 4.20
C TYR A 465 16.22 -15.32 4.67
N PRO A 466 16.08 -14.15 5.31
CA PRO A 466 14.74 -13.72 5.73
C PRO A 466 13.77 -13.50 4.57
N ARG A 467 14.26 -12.99 3.44
CA ARG A 467 13.37 -12.77 2.30
C ARG A 467 12.92 -14.10 1.70
N VAL A 468 13.81 -15.08 1.62
CA VAL A 468 13.44 -16.41 1.16
C VAL A 468 12.43 -17.03 2.12
N GLN A 469 12.61 -16.82 3.42
CA GLN A 469 11.69 -17.36 4.41
C GLN A 469 10.30 -16.74 4.27
N LYS A 470 10.22 -15.43 4.08
CA LYS A 470 8.91 -14.81 3.90
C LYS A 470 8.28 -15.20 2.57
N ALA A 471 9.10 -15.42 1.53
CA ALA A 471 8.56 -15.85 0.25
C ALA A 471 7.95 -17.25 0.35
N VAL A 472 8.66 -18.18 1.00
CA VAL A 472 8.10 -19.52 1.13
C VAL A 472 6.93 -19.52 2.10
N GLY A 473 6.93 -18.64 3.10
CA GLY A 473 5.77 -18.52 3.98
C GLY A 473 4.53 -18.06 3.23
N SER A 474 4.68 -17.10 2.32
CA SER A 474 3.54 -16.71 1.49
C SER A 474 3.17 -17.79 0.48
N SER A 475 4.16 -18.54 -0.01
CA SER A 475 3.88 -19.61 -0.96
C SER A 475 3.09 -20.75 -0.31
N GLU A 476 3.30 -20.98 0.99
CA GLU A 476 2.49 -21.98 1.68
C GLU A 476 1.01 -21.59 1.68
N LYS A 477 0.72 -20.31 1.94
CA LYS A 477 -0.65 -19.82 1.86
C LYS A 477 -1.18 -19.91 0.43
N ILE A 478 -0.33 -19.62 -0.55
CA ILE A 478 -0.75 -19.69 -1.95
C ILE A 478 -1.15 -21.11 -2.32
N PHE A 479 -0.35 -22.08 -1.91
CA PHE A 479 -0.67 -23.48 -2.24
C PHE A 479 -1.83 -24.01 -1.40
N GLU A 480 -2.01 -23.49 -0.18
CA GLU A 480 -3.20 -23.85 0.59
C GLU A 480 -4.46 -23.36 -0.11
N TYR A 481 -4.41 -22.15 -0.66
CA TYR A 481 -5.52 -21.66 -1.47
C TYR A 481 -5.67 -22.52 -2.73
N LEU A 482 -4.56 -22.97 -3.31
CA LEU A 482 -4.61 -23.87 -4.45
C LEU A 482 -5.31 -25.19 -4.13
N ASP A 483 -5.20 -25.65 -2.88
CA ASP A 483 -5.88 -26.88 -2.49
C ASP A 483 -7.39 -26.73 -2.60
N ARG A 484 -7.93 -25.59 -2.20
CA ARG A 484 -9.36 -25.33 -2.32
C ARG A 484 -9.62 -24.18 -3.28
N GLY A 492 -20.25 -35.64 -14.32
CA GLY A 492 -21.09 -36.30 -15.31
C GLY A 492 -20.52 -36.23 -16.71
N LEU A 493 -20.87 -37.23 -17.53
CA LEU A 493 -20.36 -37.29 -18.90
C LEU A 493 -21.44 -37.73 -19.88
N LEU A 494 -22.69 -37.38 -19.61
CA LEU A 494 -23.79 -37.76 -20.51
C LEU A 494 -23.74 -36.89 -21.77
N THR A 495 -23.76 -37.55 -22.93
CA THR A 495 -23.65 -36.87 -24.22
C THR A 495 -24.78 -37.36 -25.13
N PRO A 496 -26.00 -36.89 -24.92
CA PRO A 496 -27.09 -37.29 -25.81
C PRO A 496 -26.93 -36.68 -27.20
N LEU A 497 -27.46 -37.40 -28.20
CA LEU A 497 -27.39 -36.90 -29.57
C LEU A 497 -28.38 -35.77 -29.80
N HIS A 498 -29.58 -35.88 -29.24
CA HIS A 498 -30.61 -34.86 -29.38
C HIS A 498 -31.28 -34.65 -28.03
N LEU A 499 -31.88 -33.47 -27.87
CA LEU A 499 -32.53 -33.10 -26.63
C LEU A 499 -34.04 -33.25 -26.78
N GLU A 500 -34.67 -33.89 -25.79
CA GLU A 500 -36.11 -34.11 -25.83
C GLU A 500 -36.90 -32.90 -25.34
N GLY A 501 -36.25 -31.92 -24.73
CA GLY A 501 -36.94 -30.71 -24.30
C GLY A 501 -37.89 -30.90 -23.14
N LEU A 502 -37.65 -31.89 -22.29
CA LEU A 502 -38.51 -32.17 -21.14
C LEU A 502 -37.77 -31.84 -19.86
N VAL A 503 -38.42 -31.05 -18.99
CA VAL A 503 -37.87 -30.66 -17.70
C VAL A 503 -38.92 -30.96 -16.64
N GLN A 504 -38.50 -31.59 -15.55
CA GLN A 504 -39.39 -31.93 -14.46
C GLN A 504 -38.66 -31.82 -13.13
N PHE A 505 -39.44 -31.69 -12.06
CA PHE A 505 -38.90 -31.56 -10.72
C PHE A 505 -39.60 -32.52 -9.78
N GLN A 506 -38.85 -33.05 -8.82
CA GLN A 506 -39.38 -33.96 -7.80
C GLN A 506 -38.94 -33.44 -6.43
N ASP A 507 -39.86 -32.73 -5.75
CA ASP A 507 -39.62 -32.14 -4.44
C ASP A 507 -38.40 -31.22 -4.46
N VAL A 508 -38.24 -30.47 -5.55
CA VAL A 508 -37.04 -29.68 -5.78
C VAL A 508 -37.01 -28.51 -4.81
N SER A 509 -36.08 -28.56 -3.85
CA SER A 509 -35.85 -27.47 -2.91
C SER A 509 -34.37 -27.12 -2.95
N PHE A 510 -34.07 -25.82 -2.94
CA PHE A 510 -32.71 -25.34 -3.06
C PHE A 510 -32.41 -24.36 -1.94
N ALA A 511 -31.19 -24.44 -1.40
CA ALA A 511 -30.73 -23.55 -0.33
C ALA A 511 -29.33 -23.06 -0.67
N TYR A 512 -29.13 -21.75 -0.48
CA TYR A 512 -27.81 -21.18 -0.72
C TYR A 512 -26.83 -21.64 0.36
N PRO A 513 -25.55 -21.82 0.02
CA PRO A 513 -24.57 -22.23 1.03
C PRO A 513 -24.36 -21.20 2.12
N ASN A 514 -24.49 -19.90 1.80
CA ASN A 514 -24.28 -18.86 2.81
C ASN A 514 -25.44 -18.80 3.80
N ARG A 515 -26.65 -19.11 3.35
CA ARG A 515 -27.85 -19.06 4.19
C ARG A 515 -28.60 -20.38 4.07
N PRO A 516 -28.03 -21.47 4.63
CA PRO A 516 -28.74 -22.75 4.59
C PRO A 516 -30.01 -22.78 5.43
N ASP A 517 -30.16 -21.88 6.40
CA ASP A 517 -31.34 -21.88 7.24
C ASP A 517 -32.58 -21.41 6.50
N VAL A 518 -32.43 -20.64 5.42
CA VAL A 518 -33.55 -20.15 4.63
C VAL A 518 -33.45 -20.76 3.24
N LEU A 519 -34.52 -21.41 2.80
CA LEU A 519 -34.58 -22.06 1.50
C LEU A 519 -35.31 -21.16 0.51
N VAL A 520 -34.66 -20.88 -0.61
CA VAL A 520 -35.29 -20.07 -1.66
C VAL A 520 -36.48 -20.80 -2.26
N LEU A 521 -36.34 -22.09 -2.51
CA LEU A 521 -37.42 -22.92 -3.02
C LEU A 521 -37.64 -24.08 -2.07
N GLN A 522 -38.91 -24.47 -1.92
CA GLN A 522 -39.31 -25.54 -1.01
C GLN A 522 -40.20 -26.52 -1.76
N GLY A 523 -39.59 -27.52 -2.39
CA GLY A 523 -40.34 -28.56 -3.07
C GLY A 523 -41.17 -28.07 -4.24
N LEU A 524 -40.58 -27.23 -5.08
CA LEU A 524 -41.30 -26.70 -6.24
C LEU A 524 -41.56 -27.81 -7.26
N THR A 525 -42.71 -27.72 -7.92
CA THR A 525 -43.11 -28.70 -8.93
C THR A 525 -43.60 -27.96 -10.16
N PHE A 526 -42.74 -27.86 -11.17
CA PHE A 526 -43.09 -27.23 -12.44
C PHE A 526 -42.47 -28.02 -13.57
N THR A 527 -43.23 -28.21 -14.64
CA THR A 527 -42.78 -28.98 -15.80
C THR A 527 -42.88 -28.13 -17.05
N LEU A 528 -41.89 -28.27 -17.93
CA LEU A 528 -41.84 -27.52 -19.20
C LEU A 528 -41.64 -28.54 -20.32
N ARG A 529 -42.74 -28.93 -20.96
CA ARG A 529 -42.67 -29.88 -22.04
C ARG A 529 -42.09 -29.24 -23.29
N PRO A 530 -41.61 -30.06 -24.24
CA PRO A 530 -41.07 -29.49 -25.48
C PRO A 530 -42.12 -28.76 -26.28
N GLY A 531 -41.71 -27.68 -26.93
CA GLY A 531 -42.63 -26.85 -27.69
C GLY A 531 -43.70 -26.16 -26.87
N GLU A 532 -43.32 -25.61 -25.72
CA GLU A 532 -44.27 -24.95 -24.83
C GLU A 532 -43.58 -23.80 -24.12
N VAL A 533 -44.40 -22.98 -23.46
CA VAL A 533 -43.93 -21.79 -22.76
C VAL A 533 -44.45 -21.83 -21.33
N THR A 534 -43.57 -21.57 -20.37
CA THR A 534 -43.94 -21.48 -18.96
C THR A 534 -43.55 -20.10 -18.45
N ALA A 535 -44.54 -19.36 -17.96
CA ALA A 535 -44.34 -17.99 -17.49
C ALA A 535 -44.49 -17.95 -15.98
N LEU A 536 -43.46 -17.50 -15.28
CA LEU A 536 -43.46 -17.46 -13.83
C LEU A 536 -43.94 -16.08 -13.36
N VAL A 537 -44.94 -16.08 -12.48
CA VAL A 537 -45.50 -14.85 -11.92
C VAL A 537 -45.39 -14.94 -10.40
N GLY A 538 -44.82 -13.91 -9.79
CA GLY A 538 -44.68 -13.87 -8.36
C GLY A 538 -43.92 -12.65 -7.87
N PRO A 539 -43.78 -12.53 -6.55
CA PRO A 539 -43.01 -11.41 -6.00
C PRO A 539 -41.53 -11.55 -6.29
N ASN A 540 -40.84 -10.41 -6.34
CA ASN A 540 -39.41 -10.41 -6.58
C ASN A 540 -38.67 -11.05 -5.40
N GLY A 541 -37.67 -11.87 -5.71
CA GLY A 541 -36.92 -12.56 -4.68
C GLY A 541 -37.56 -13.83 -4.17
N SER A 542 -38.63 -14.31 -4.80
CA SER A 542 -39.29 -15.52 -4.33
C SER A 542 -38.48 -16.77 -4.60
N GLY A 543 -37.48 -16.70 -5.48
CA GLY A 543 -36.64 -17.85 -5.77
C GLY A 543 -36.61 -18.23 -7.24
N LYS A 544 -36.94 -17.27 -8.11
CA LYS A 544 -36.85 -17.51 -9.55
C LYS A 544 -35.41 -17.74 -9.98
N SER A 545 -34.48 -16.96 -9.42
CA SER A 545 -33.06 -17.14 -9.74
C SER A 545 -32.55 -18.49 -9.25
N THR A 546 -33.07 -18.98 -8.13
CA THR A 546 -32.70 -20.32 -7.66
C THR A 546 -33.13 -21.39 -8.65
N VAL A 547 -34.35 -21.27 -9.19
CA VAL A 547 -34.83 -22.23 -10.19
C VAL A 547 -34.02 -22.11 -11.47
N ALA A 548 -33.64 -20.89 -11.85
CA ALA A 548 -32.81 -20.70 -13.03
C ALA A 548 -31.45 -21.34 -12.87
N ALA A 549 -30.84 -21.18 -11.69
CA ALA A 549 -29.54 -21.80 -11.44
C ALA A 549 -29.65 -23.32 -11.37
N LEU A 550 -30.76 -23.83 -10.80
CA LEU A 550 -30.96 -25.27 -10.72
C LEU A 550 -31.16 -25.88 -12.10
N LEU A 551 -31.88 -25.19 -12.98
CA LEU A 551 -32.10 -25.70 -14.33
C LEU A 551 -30.81 -25.69 -15.16
N GLN A 552 -29.88 -24.80 -14.87
CA GLN A 552 -28.62 -24.72 -15.58
C GLN A 552 -27.50 -25.51 -14.90
N ASN A 553 -27.81 -26.24 -13.83
CA ASN A 553 -26.85 -27.06 -13.08
C ASN A 553 -25.69 -26.23 -12.53
N LEU A 554 -25.92 -24.95 -12.26
CA LEU A 554 -24.88 -24.13 -11.66
C LEU A 554 -24.65 -24.50 -10.20
N TYR A 555 -25.73 -24.71 -9.46
CA TYR A 555 -25.64 -25.14 -8.07
C TYR A 555 -26.68 -26.23 -7.83
N GLN A 556 -26.27 -27.31 -7.18
CA GLN A 556 -27.19 -28.41 -6.93
C GLN A 556 -28.27 -28.01 -5.93
N PRO A 557 -29.49 -28.51 -6.09
CA PRO A 557 -30.55 -28.18 -5.14
C PRO A 557 -30.34 -28.84 -3.79
N THR A 558 -30.87 -28.21 -2.75
CA THR A 558 -30.78 -28.78 -1.40
C THR A 558 -31.61 -30.05 -1.27
N GLY A 559 -32.77 -30.09 -1.95
CA GLY A 559 -33.62 -31.27 -1.90
C GLY A 559 -34.27 -31.52 -3.24
N GLY A 560 -34.67 -32.78 -3.43
CA GLY A 560 -35.37 -33.17 -4.64
C GLY A 560 -34.43 -33.51 -5.78
N GLN A 561 -35.04 -33.91 -6.90
CA GLN A 561 -34.31 -34.29 -8.10
C GLN A 561 -34.87 -33.55 -9.30
N LEU A 562 -33.98 -32.95 -10.09
CA LEU A 562 -34.36 -32.25 -11.32
C LEU A 562 -34.04 -33.16 -12.50
N LEU A 563 -35.06 -33.50 -13.28
CA LEU A 563 -34.93 -34.42 -14.40
C LEU A 563 -34.99 -33.65 -15.71
N LEU A 564 -33.93 -33.76 -16.50
CA LEU A 564 -33.88 -33.22 -17.85
C LEU A 564 -34.18 -34.36 -18.81
N ASP A 565 -35.41 -34.38 -19.33
CA ASP A 565 -35.94 -35.49 -20.13
C ASP A 565 -35.82 -36.81 -19.37
N GLY A 566 -36.10 -36.77 -18.07
CA GLY A 566 -35.99 -37.93 -17.22
C GLY A 566 -34.61 -38.22 -16.68
N LYS A 567 -33.60 -37.43 -17.06
CA LYS A 567 -32.24 -37.65 -16.58
C LYS A 567 -31.79 -36.51 -15.68
N PRO A 568 -30.94 -36.79 -14.69
CA PRO A 568 -30.51 -35.74 -13.77
C PRO A 568 -29.70 -34.66 -14.47
N LEU A 569 -29.90 -33.41 -14.04
CA LEU A 569 -29.16 -32.29 -14.61
C LEU A 569 -27.66 -32.39 -14.36
N PRO A 570 -27.20 -32.66 -13.13
CA PRO A 570 -25.76 -32.82 -12.91
C PRO A 570 -25.17 -34.03 -13.61
N GLN A 571 -25.99 -35.02 -13.99
CA GLN A 571 -25.48 -36.19 -14.70
C GLN A 571 -25.01 -35.84 -16.10
N TYR A 572 -25.58 -34.81 -16.71
CA TYR A 572 -25.14 -34.38 -18.03
C TYR A 572 -23.78 -33.70 -17.95
N GLU A 573 -23.02 -33.83 -19.04
CA GLU A 573 -21.71 -33.19 -19.12
C GLU A 573 -21.84 -31.68 -19.19
N HIS A 574 -20.81 -30.98 -18.71
CA HIS A 574 -20.86 -29.52 -18.66
C HIS A 574 -20.93 -28.90 -20.04
N ARG A 575 -20.12 -29.39 -20.97
CA ARG A 575 -20.16 -28.86 -22.34
C ARG A 575 -21.47 -29.19 -23.02
N TYR A 576 -21.96 -30.43 -22.86
CA TYR A 576 -23.22 -30.82 -23.50
C TYR A 576 -24.39 -30.03 -22.93
N LEU A 577 -24.44 -29.86 -21.60
CA LEU A 577 -25.52 -29.09 -21.00
C LEU A 577 -25.44 -27.62 -21.39
N HIS A 578 -24.23 -27.07 -21.47
CA HIS A 578 -24.07 -25.69 -21.86
C HIS A 578 -24.44 -25.46 -23.31
N ARG A 579 -24.17 -26.43 -24.18
CA ARG A 579 -24.51 -26.31 -25.60
C ARG A 579 -25.94 -26.75 -25.91
N GLN A 580 -26.64 -27.37 -24.95
CA GLN A 580 -28.01 -27.83 -25.15
C GLN A 580 -29.04 -26.97 -24.45
N VAL A 581 -28.77 -26.54 -23.22
CA VAL A 581 -29.67 -25.68 -22.45
C VAL A 581 -28.93 -24.36 -22.25
N ALA A 582 -29.51 -23.27 -22.75
CA ALA A 582 -28.87 -21.96 -22.70
C ALA A 582 -29.87 -20.91 -22.25
N ALA A 583 -29.35 -19.83 -21.68
CA ALA A 583 -30.21 -18.80 -21.13
C ALA A 583 -29.45 -17.48 -21.08
N VAL A 584 -30.22 -16.40 -20.93
CA VAL A 584 -29.69 -15.06 -20.70
C VAL A 584 -30.08 -14.66 -19.29
N GLY A 585 -29.09 -14.24 -18.50
CA GLY A 585 -29.31 -13.94 -17.10
C GLY A 585 -30.12 -12.67 -16.90
N GLN A 586 -30.38 -12.38 -15.62
CA GLN A 586 -31.12 -11.18 -15.27
C GLN A 586 -30.35 -9.91 -15.63
N GLU A 587 -29.04 -9.92 -15.43
CA GLU A 587 -28.16 -8.81 -15.77
C GLU A 587 -27.00 -9.33 -16.60
N PRO A 588 -27.26 -9.71 -17.85
CA PRO A 588 -26.17 -10.17 -18.72
C PRO A 588 -25.16 -9.07 -19.00
N GLN A 589 -23.89 -9.46 -19.06
CA GLN A 589 -22.79 -8.52 -19.29
C GLN A 589 -22.15 -8.81 -20.64
N VAL A 590 -21.96 -7.75 -21.42
CA VAL A 590 -21.30 -7.90 -22.72
C VAL A 590 -19.83 -8.23 -22.50
N PHE A 591 -19.33 -9.20 -23.25
CA PHE A 591 -17.93 -9.59 -23.15
C PHE A 591 -17.03 -8.47 -23.64
N GLY A 592 -15.91 -8.27 -22.96
CA GLY A 592 -14.98 -7.21 -23.30
C GLY A 592 -14.13 -7.54 -24.53
N ARG A 593 -14.79 -7.79 -25.65
CA ARG A 593 -14.11 -8.15 -26.89
C ARG A 593 -14.93 -7.57 -28.05
N SER A 594 -14.65 -8.03 -29.25
CA SER A 594 -15.40 -7.59 -30.42
C SER A 594 -16.85 -8.08 -30.35
N LEU A 595 -17.76 -7.29 -30.93
CA LEU A 595 -19.17 -7.68 -30.95
C LEU A 595 -19.40 -8.94 -31.78
N GLN A 596 -18.62 -9.13 -32.84
CA GLN A 596 -18.69 -10.37 -33.59
C GLN A 596 -18.11 -11.55 -32.81
N GLU A 597 -17.36 -11.28 -31.75
CA GLU A 597 -16.86 -12.31 -30.85
C GLU A 597 -17.67 -12.41 -29.56
N ASN A 598 -18.15 -11.28 -29.03
CA ASN A 598 -18.96 -11.32 -27.82
C ASN A 598 -20.34 -11.91 -28.05
N ILE A 599 -20.79 -11.98 -29.32
CA ILE A 599 -22.06 -12.65 -29.63
C ILE A 599 -21.88 -14.14 -29.84
N ALA A 600 -20.65 -14.65 -29.72
CA ALA A 600 -20.40 -16.09 -29.87
C ALA A 600 -19.39 -16.57 -28.85
N TYR A 601 -19.38 -15.98 -27.65
CA TYR A 601 -18.43 -16.37 -26.62
C TYR A 601 -18.69 -17.80 -26.16
N GLY A 602 -17.63 -18.57 -26.03
CA GLY A 602 -17.74 -19.95 -25.59
C GLY A 602 -18.10 -20.94 -26.66
N LEU A 603 -18.20 -20.53 -27.91
CA LEU A 603 -18.53 -21.44 -29.00
C LEU A 603 -17.30 -22.27 -29.35
N THR A 604 -17.42 -23.60 -29.25
CA THR A 604 -16.32 -24.49 -29.59
C THR A 604 -16.03 -24.45 -31.09
N GLN A 605 -17.08 -24.38 -31.90
CA GLN A 605 -16.95 -24.27 -33.35
C GLN A 605 -17.34 -22.86 -33.78
N LYS A 606 -16.51 -22.22 -34.59
CA LYS A 606 -16.78 -20.87 -35.02
C LYS A 606 -18.01 -20.82 -35.92
N PRO A 607 -18.94 -19.91 -35.67
CA PRO A 607 -20.13 -19.82 -36.53
C PRO A 607 -19.80 -19.24 -37.89
N THR A 608 -20.62 -19.60 -38.87
CA THR A 608 -20.48 -19.06 -40.21
C THR A 608 -20.90 -17.60 -40.24
N MET A 609 -20.38 -16.87 -41.25
CA MET A 609 -20.75 -15.47 -41.40
C MET A 609 -22.23 -15.31 -41.74
N GLU A 610 -22.74 -16.14 -42.63
CA GLU A 610 -24.18 -16.12 -42.93
C GLU A 610 -25.00 -16.54 -41.71
N GLU A 611 -24.51 -17.54 -40.97
CA GLU A 611 -25.19 -17.95 -39.74
C GLU A 611 -25.19 -16.84 -38.71
N ILE A 612 -24.07 -16.12 -38.59
CA ILE A 612 -24.00 -15.00 -37.65
C ILE A 612 -24.95 -13.90 -38.06
N THR A 613 -25.03 -13.60 -39.37
CA THR A 613 -25.95 -12.58 -39.86
C THR A 613 -27.40 -12.98 -39.60
N ALA A 614 -27.73 -14.26 -39.82
CA ALA A 614 -29.08 -14.74 -39.55
C ALA A 614 -29.42 -14.67 -38.07
N ALA A 615 -28.46 -15.01 -37.21
CA ALA A 615 -28.69 -14.93 -35.77
C ALA A 615 -28.89 -13.48 -35.33
N ALA A 616 -28.12 -12.55 -35.89
CA ALA A 616 -28.30 -11.14 -35.56
C ALA A 616 -29.65 -10.62 -36.06
N VAL A 617 -30.07 -11.05 -37.25
CA VAL A 617 -31.33 -10.57 -37.81
C VAL A 617 -32.51 -11.14 -37.04
N LYS A 618 -32.42 -12.40 -36.61
CA LYS A 618 -33.54 -13.05 -35.95
C LYS A 618 -33.84 -12.42 -34.59
N SER A 619 -32.81 -12.03 -33.85
CA SER A 619 -32.97 -11.50 -32.51
C SER A 619 -33.24 -10.01 -32.48
N GLY A 620 -33.26 -9.34 -33.62
CA GLY A 620 -33.44 -7.91 -33.65
C GLY A 620 -32.19 -7.12 -33.33
N ALA A 621 -31.05 -7.77 -33.15
CA ALA A 621 -29.78 -7.09 -32.90
C ALA A 621 -29.10 -6.65 -34.18
N HIS A 622 -29.71 -6.91 -35.34
CA HIS A 622 -29.12 -6.48 -36.62
C HIS A 622 -29.07 -4.97 -36.72
N SER A 623 -30.11 -4.29 -36.24
CA SER A 623 -30.13 -2.82 -36.27
C SER A 623 -29.04 -2.24 -35.38
N PHE A 624 -28.84 -2.82 -34.19
CA PHE A 624 -27.82 -2.31 -33.28
C PHE A 624 -26.42 -2.62 -33.80
N ILE A 625 -26.24 -3.80 -34.40
CA ILE A 625 -24.93 -4.17 -34.93
C ILE A 625 -24.58 -3.33 -36.15
N SER A 626 -25.55 -3.08 -37.02
CA SER A 626 -25.30 -2.33 -38.25
C SER A 626 -25.04 -0.85 -37.98
N GLY A 627 -25.42 -0.35 -36.81
CA GLY A 627 -25.17 1.04 -36.49
C GLY A 627 -23.73 1.39 -36.18
N LEU A 628 -22.91 0.39 -35.86
CA LEU A 628 -21.50 0.65 -35.59
C LEU A 628 -20.77 0.99 -36.89
N PRO A 629 -19.76 1.86 -36.82
CA PRO A 629 -18.99 2.18 -38.03
C PRO A 629 -18.23 1.00 -38.61
N GLN A 630 -17.76 0.08 -37.77
CA GLN A 630 -16.98 -1.07 -38.21
C GLN A 630 -17.79 -2.35 -38.26
N GLY A 631 -19.11 -2.26 -38.12
CA GLY A 631 -19.92 -3.47 -38.14
C GLY A 631 -19.78 -4.27 -36.86
N TYR A 632 -20.08 -5.58 -36.98
CA TYR A 632 -19.98 -6.47 -35.84
C TYR A 632 -18.54 -6.68 -35.38
N ASP A 633 -17.56 -6.42 -36.23
CA ASP A 633 -16.16 -6.58 -35.87
C ASP A 633 -15.66 -5.49 -34.93
N THR A 634 -16.45 -4.46 -34.70
CA THR A 634 -16.03 -3.37 -33.81
C THR A 634 -15.92 -3.86 -32.38
N GLU A 635 -14.86 -3.44 -31.69
CA GLU A 635 -14.62 -3.86 -30.32
C GLU A 635 -15.60 -3.20 -29.37
N VAL A 636 -15.94 -3.93 -28.30
CA VAL A 636 -16.82 -3.44 -27.25
C VAL A 636 -16.02 -3.34 -25.97
N ASP A 637 -16.10 -2.18 -25.31
CA ASP A 637 -15.33 -1.95 -24.09
C ASP A 637 -15.89 -2.78 -22.94
N GLU A 638 -15.15 -2.76 -21.82
CA GLU A 638 -15.54 -3.51 -20.64
C GLU A 638 -16.81 -2.94 -20.03
N ALA A 639 -17.59 -3.83 -19.41
CA ALA A 639 -18.84 -3.52 -18.71
C ALA A 639 -19.89 -2.89 -19.62
N GLY A 640 -19.78 -3.09 -20.93
CA GLY A 640 -20.76 -2.57 -21.87
C GLY A 640 -20.83 -1.06 -21.92
N SER A 641 -19.66 -0.39 -21.92
CA SER A 641 -19.65 1.07 -21.97
C SER A 641 -20.16 1.59 -23.31
N GLN A 642 -19.78 0.95 -24.41
CA GLN A 642 -20.15 1.40 -25.73
C GLN A 642 -21.43 0.75 -26.24
N LEU A 643 -22.04 -0.14 -25.47
CA LEU A 643 -23.27 -0.83 -25.87
C LEU A 643 -24.40 -0.43 -24.93
N SER A 644 -25.56 -0.15 -25.50
CA SER A 644 -26.72 0.24 -24.70
C SER A 644 -27.27 -0.96 -23.95
N GLY A 645 -28.12 -0.67 -22.95
CA GLY A 645 -28.76 -1.74 -22.20
C GLY A 645 -29.70 -2.58 -23.04
N GLY A 646 -30.51 -1.91 -23.88
CA GLY A 646 -31.29 -2.64 -24.85
C GLY A 646 -30.42 -3.35 -25.87
N GLN A 647 -29.31 -2.72 -26.26
CA GLN A 647 -28.34 -3.37 -27.13
C GLN A 647 -27.71 -4.58 -26.44
N ARG A 648 -27.42 -4.46 -25.14
CA ARG A 648 -26.86 -5.60 -24.40
C ARG A 648 -27.86 -6.74 -24.33
N GLN A 649 -29.13 -6.44 -24.07
CA GLN A 649 -30.15 -7.49 -24.05
C GLN A 649 -30.32 -8.13 -25.42
N ALA A 650 -30.28 -7.33 -26.48
CA ALA A 650 -30.36 -7.87 -27.83
C ALA A 650 -29.18 -8.77 -28.14
N VAL A 651 -27.97 -8.38 -27.69
CA VAL A 651 -26.79 -9.19 -27.92
C VAL A 651 -26.89 -10.51 -27.16
N ALA A 652 -27.39 -10.46 -25.92
CA ALA A 652 -27.55 -11.69 -25.14
C ALA A 652 -28.56 -12.62 -25.78
N LEU A 653 -29.70 -12.08 -26.22
CA LEU A 653 -30.70 -12.91 -26.90
C LEU A 653 -30.18 -13.45 -28.21
N ALA A 654 -29.36 -12.67 -28.94
CA ALA A 654 -28.76 -13.17 -30.17
C ALA A 654 -27.77 -14.30 -29.89
N ARG A 655 -26.98 -14.18 -28.82
CA ARG A 655 -26.09 -15.27 -28.44
C ARG A 655 -26.87 -16.53 -28.10
N ALA A 656 -27.97 -16.35 -27.36
CA ALA A 656 -28.81 -17.50 -27.00
C ALA A 656 -29.42 -18.15 -28.25
N LEU A 657 -29.90 -17.33 -29.19
CA LEU A 657 -30.51 -17.88 -30.39
C LEU A 657 -29.46 -18.54 -31.30
N ILE A 658 -28.25 -17.99 -31.32
CA ILE A 658 -27.16 -18.59 -32.08
C ILE A 658 -26.75 -19.92 -31.46
N ARG A 659 -26.89 -20.05 -30.14
CA ARG A 659 -26.64 -21.33 -29.50
C ARG A 659 -27.65 -22.39 -29.95
N LYS A 660 -28.83 -21.96 -30.39
CA LYS A 660 -29.93 -22.80 -30.88
C LYS A 660 -30.30 -23.85 -29.83
N PRO A 661 -30.43 -23.46 -28.57
CA PRO A 661 -30.72 -24.43 -27.51
C PRO A 661 -32.13 -24.97 -27.61
N CYS A 662 -32.29 -26.22 -27.15
CA CYS A 662 -33.63 -26.78 -26.99
C CYS A 662 -34.32 -26.26 -25.74
N VAL A 663 -33.54 -25.91 -24.72
CA VAL A 663 -34.07 -25.36 -23.47
C VAL A 663 -33.56 -23.93 -23.33
N LEU A 664 -34.50 -23.00 -23.17
CA LEU A 664 -34.18 -21.58 -23.07
C LEU A 664 -34.90 -20.98 -21.89
N ILE A 665 -34.15 -20.48 -20.91
CA ILE A 665 -34.71 -19.79 -19.76
C ILE A 665 -34.62 -18.30 -20.06
N LEU A 666 -35.69 -17.77 -20.66
CA LEU A 666 -35.75 -16.36 -21.03
C LEU A 666 -35.97 -15.54 -19.76
N ASP A 667 -34.87 -15.00 -19.24
CA ASP A 667 -34.89 -14.22 -18.00
C ASP A 667 -34.44 -12.80 -18.32
N ASP A 668 -35.35 -11.84 -18.12
CA ASP A 668 -35.09 -10.41 -18.35
C ASP A 668 -34.59 -10.14 -19.76
N ALA A 669 -35.21 -10.79 -20.75
CA ALA A 669 -34.77 -10.65 -22.13
C ALA A 669 -35.12 -9.28 -22.71
N THR A 670 -36.35 -8.82 -22.49
CA THR A 670 -36.82 -7.56 -23.04
C THR A 670 -37.61 -6.77 -22.00
N SER A 671 -37.15 -6.78 -20.75
CA SER A 671 -37.82 -6.04 -19.70
C SER A 671 -37.67 -4.54 -19.90
N ALA A 672 -36.44 -4.08 -20.14
CA ALA A 672 -36.17 -2.67 -20.38
C ALA A 672 -35.82 -2.36 -21.83
N LEU A 673 -35.99 -3.34 -22.73
CA LEU A 673 -35.66 -3.15 -24.13
C LEU A 673 -36.76 -2.37 -24.85
N ASP A 674 -36.55 -2.15 -26.14
CA ASP A 674 -37.50 -1.42 -26.96
C ASP A 674 -38.70 -2.31 -27.28
N ALA A 675 -39.75 -1.68 -27.82
CA ALA A 675 -40.96 -2.41 -28.19
C ALA A 675 -40.69 -3.36 -29.35
N ASN A 676 -39.82 -2.96 -30.29
CA ASN A 676 -39.47 -3.83 -31.39
C ASN A 676 -38.73 -5.07 -30.90
N SER A 677 -37.84 -4.90 -29.92
CA SER A 677 -37.13 -6.05 -29.34
C SER A 677 -38.09 -6.99 -28.63
N GLN A 678 -39.07 -6.43 -27.91
CA GLN A 678 -40.08 -7.27 -27.24
C GLN A 678 -40.93 -8.02 -28.25
N LEU A 679 -41.31 -7.35 -29.34
CA LEU A 679 -42.09 -8.00 -30.39
C LEU A 679 -41.29 -9.12 -31.05
N GLN A 680 -40.00 -8.88 -31.30
CA GLN A 680 -39.15 -9.92 -31.87
C GLN A 680 -38.99 -11.10 -30.92
N VAL A 681 -38.87 -10.81 -29.61
CA VAL A 681 -38.75 -11.88 -28.62
C VAL A 681 -40.03 -12.71 -28.58
N GLU A 682 -41.19 -12.05 -28.62
CA GLU A 682 -42.46 -12.77 -28.62
C GLU A 682 -42.64 -13.60 -29.89
N GLN A 683 -42.22 -13.05 -31.04
CA GLN A 683 -42.30 -13.80 -32.29
C GLN A 683 -41.39 -15.01 -32.28
N LEU A 684 -40.18 -14.87 -31.71
CA LEU A 684 -39.27 -16.00 -31.61
C LEU A 684 -39.76 -17.02 -30.59
N LEU A 685 -40.52 -16.57 -29.59
CA LEU A 685 -41.07 -17.50 -28.61
C LEU A 685 -42.26 -18.27 -29.16
N TYR A 686 -43.09 -17.62 -29.98
CA TYR A 686 -44.34 -18.21 -30.44
C TYR A 686 -44.33 -18.55 -31.93
N GLU A 687 -44.03 -17.59 -32.79
CA GLU A 687 -44.19 -17.76 -34.23
C GLU A 687 -42.93 -18.26 -34.92
N SER A 688 -41.85 -18.53 -34.18
CA SER A 688 -40.64 -19.03 -34.80
C SER A 688 -40.83 -20.47 -35.25
N PRO A 689 -40.20 -20.86 -36.37
CA PRO A 689 -40.29 -22.26 -36.81
C PRO A 689 -39.67 -23.25 -35.84
N GLU A 690 -38.64 -22.84 -35.10
CA GLU A 690 -37.96 -23.73 -34.17
C GLU A 690 -38.65 -23.82 -32.81
N ARG A 691 -39.74 -23.06 -32.60
CA ARG A 691 -40.44 -23.10 -31.34
C ARG A 691 -41.17 -24.43 -31.11
N TYR A 692 -41.43 -25.18 -32.17
CA TYR A 692 -42.10 -26.47 -32.01
C TYR A 692 -41.19 -27.50 -31.36
N SER A 693 -39.89 -27.45 -31.64
CA SER A 693 -38.93 -28.41 -31.11
C SER A 693 -38.03 -27.81 -30.03
N ARG A 694 -38.41 -26.67 -29.47
CA ARG A 694 -37.65 -26.02 -28.43
C ARG A 694 -38.54 -25.73 -27.23
N SER A 695 -38.01 -25.97 -26.04
CA SER A 695 -38.72 -25.69 -24.80
C SER A 695 -38.20 -24.38 -24.20
N VAL A 696 -39.11 -23.49 -23.84
CA VAL A 696 -38.75 -22.19 -23.32
C VAL A 696 -39.52 -21.95 -22.02
N LEU A 697 -38.82 -21.57 -20.98
CA LEU A 697 -39.41 -21.12 -19.73
C LEU A 697 -39.10 -19.64 -19.54
N LEU A 698 -40.14 -18.84 -19.33
CA LEU A 698 -40.00 -17.39 -19.26
C LEU A 698 -40.16 -16.91 -17.82
N ILE A 699 -39.18 -16.13 -17.36
CA ILE A 699 -39.24 -15.49 -16.04
C ILE A 699 -38.82 -14.04 -16.27
N THR A 700 -39.80 -13.16 -16.46
CA THR A 700 -39.53 -11.76 -16.77
C THR A 700 -40.75 -10.94 -16.41
N GLN A 701 -40.75 -9.66 -16.80
CA GLN A 701 -41.84 -8.74 -16.53
C GLN A 701 -42.64 -8.40 -17.77
N HIS A 702 -42.55 -9.22 -18.82
CA HIS A 702 -43.30 -8.98 -20.06
C HIS A 702 -44.76 -9.35 -19.81
N LEU A 703 -45.57 -8.34 -19.48
CA LEU A 703 -46.97 -8.59 -19.16
C LEU A 703 -47.75 -9.07 -20.37
N SER A 704 -47.46 -8.51 -21.55
CA SER A 704 -48.14 -8.96 -22.76
C SER A 704 -47.80 -10.40 -23.10
N LEU A 705 -46.53 -10.77 -22.93
CA LEU A 705 -46.12 -12.15 -23.18
C LEU A 705 -46.55 -13.11 -22.07
N VAL A 706 -46.80 -12.59 -20.86
CA VAL A 706 -47.20 -13.45 -19.75
C VAL A 706 -48.59 -14.05 -20.01
N GLU A 707 -49.52 -13.25 -20.51
CA GLU A 707 -50.87 -13.74 -20.77
C GLU A 707 -50.93 -14.64 -22.00
N GLN A 708 -49.91 -14.60 -22.86
CA GLN A 708 -49.90 -15.40 -24.08
C GLN A 708 -49.17 -16.73 -23.91
N ALA A 709 -48.69 -17.04 -22.70
CA ALA A 709 -47.96 -18.28 -22.49
C ALA A 709 -48.89 -19.48 -22.51
N ASP A 710 -48.33 -20.63 -22.93
CA ASP A 710 -49.09 -21.88 -22.89
C ASP A 710 -49.43 -22.27 -21.45
N HIS A 711 -48.49 -22.07 -20.54
CA HIS A 711 -48.72 -22.32 -19.11
C HIS A 711 -48.19 -21.13 -18.32
N ILE A 712 -49.01 -20.61 -17.43
CA ILE A 712 -48.64 -19.52 -16.53
C ILE A 712 -48.71 -20.04 -15.11
N LEU A 713 -47.58 -20.08 -14.42
CA LEU A 713 -47.48 -20.61 -13.08
C LEU A 713 -47.17 -19.48 -12.10
N PHE A 714 -47.91 -19.44 -11.00
CA PHE A 714 -47.69 -18.47 -9.94
C PHE A 714 -46.86 -19.11 -8.84
N LEU A 715 -45.69 -18.53 -8.56
CA LEU A 715 -44.78 -19.04 -7.55
C LEU A 715 -44.45 -17.92 -6.56
N GLU A 716 -44.59 -18.21 -5.28
CA GLU A 716 -44.28 -17.26 -4.24
C GLU A 716 -43.78 -18.02 -3.01
N GLY A 717 -42.78 -17.44 -2.33
CA GLY A 717 -42.23 -18.05 -1.14
C GLY A 717 -41.59 -19.41 -1.36
N GLY A 718 -41.20 -19.72 -2.59
CA GLY A 718 -40.69 -21.04 -2.90
C GLY A 718 -41.75 -22.09 -3.15
N ALA A 719 -43.02 -21.71 -3.21
CA ALA A 719 -44.10 -22.65 -3.42
C ALA A 719 -45.01 -22.18 -4.53
N ILE A 720 -45.56 -23.14 -5.28
CA ILE A 720 -46.47 -22.84 -6.37
C ILE A 720 -47.88 -22.70 -5.81
N ARG A 721 -48.50 -21.55 -6.05
CA ARG A 721 -49.84 -21.27 -5.57
C ARG A 721 -50.91 -21.39 -6.65
N GLU A 722 -50.56 -21.12 -7.90
CA GLU A 722 -51.52 -21.18 -9.00
C GLU A 722 -50.82 -21.62 -10.27
N GLY A 723 -51.59 -22.17 -11.19
CA GLY A 723 -51.06 -22.63 -12.46
C GLY A 723 -52.13 -22.86 -13.51
N GLY A 724 -51.84 -22.52 -14.75
CA GLY A 724 -52.77 -22.70 -15.84
C GLY A 724 -52.65 -21.55 -16.83
N THR A 725 -53.69 -21.39 -17.64
CA THR A 725 -53.72 -20.29 -18.60
C THR A 725 -54.03 -18.97 -17.89
N HIS A 726 -53.84 -17.88 -18.62
CA HIS A 726 -54.13 -16.56 -18.05
C HIS A 726 -55.61 -16.40 -17.74
N GLN A 727 -56.47 -16.86 -18.65
CA GLN A 727 -57.91 -16.83 -18.39
C GLN A 727 -58.27 -17.76 -17.22
N GLN A 728 -57.65 -18.94 -17.17
CA GLN A 728 -57.90 -19.85 -16.05
C GLN A 728 -57.39 -19.27 -14.74
N LEU A 729 -56.24 -18.61 -14.76
CA LEU A 729 -55.73 -17.97 -13.56
C LEU A 729 -56.64 -16.83 -13.10
N MET A 730 -57.17 -16.06 -14.05
CA MET A 730 -58.08 -14.98 -13.68
C MET A 730 -59.40 -15.51 -13.14
N GLU A 731 -59.88 -16.63 -13.70
CA GLU A 731 -61.13 -17.21 -13.22
C GLU A 731 -60.96 -17.89 -11.86
N LYS A 732 -59.77 -18.42 -11.58
CA LYS A 732 -59.52 -19.10 -10.32
C LYS A 732 -59.42 -18.16 -9.14
N LYS A 733 -59.28 -16.85 -9.39
CA LYS A 733 -59.16 -15.82 -8.35
C LYS A 733 -58.01 -16.12 -7.39
N GLY A 734 -56.89 -16.58 -7.93
CA GLY A 734 -55.72 -16.90 -7.15
C GLY A 734 -54.77 -15.73 -7.02
N CYS A 735 -53.50 -16.05 -6.75
CA CYS A 735 -52.48 -15.02 -6.65
C CYS A 735 -52.23 -14.34 -8.00
N TYR A 736 -52.28 -15.12 -9.09
CA TYR A 736 -52.07 -14.55 -10.42
C TYR A 736 -53.18 -13.58 -10.78
N TRP A 737 -54.43 -13.91 -10.43
CA TRP A 737 -55.55 -13.01 -10.73
C TRP A 737 -55.43 -11.71 -9.94
N ALA A 738 -55.02 -11.80 -8.67
CA ALA A 738 -54.85 -10.60 -7.86
C ALA A 738 -53.69 -9.75 -8.37
N MET A 739 -52.60 -10.39 -8.79
CA MET A 739 -51.45 -9.66 -9.32
C MET A 739 -51.79 -8.98 -10.65
N VAL A 740 -52.55 -9.67 -11.52
CA VAL A 740 -52.92 -9.09 -12.80
C VAL A 740 -53.88 -7.93 -12.62
N GLN A 741 -54.88 -8.10 -11.74
CA GLN A 741 -55.86 -7.05 -11.50
C GLN A 741 -55.30 -6.00 -10.55
N GLN B 131 10.69 20.90 -12.78
CA GLN B 131 11.67 20.34 -11.88
C GLN B 131 12.07 21.35 -10.80
N VAL B 132 11.64 22.60 -11.00
CA VAL B 132 11.94 23.64 -10.02
C VAL B 132 11.16 23.42 -8.72
N ASN B 133 10.06 22.66 -8.77
CA ASN B 133 9.31 22.34 -7.56
C ASN B 133 10.14 21.51 -6.60
N ASN B 134 10.86 20.51 -7.12
CA ASN B 134 11.74 19.72 -6.26
C ASN B 134 12.89 20.54 -5.73
N LYS B 135 13.40 21.49 -6.54
CA LYS B 135 14.48 22.36 -6.08
C LYS B 135 14.04 23.24 -4.93
N VAL B 136 12.86 23.86 -5.04
CA VAL B 136 12.40 24.71 -3.96
C VAL B 136 11.99 23.88 -2.75
N LEU B 137 11.54 22.64 -2.96
CA LEU B 137 11.26 21.77 -1.82
C LEU B 137 12.54 21.42 -1.08
N MET B 138 13.62 21.13 -1.81
CA MET B 138 14.91 20.87 -1.16
C MET B 138 15.42 22.10 -0.43
N TRP B 139 15.22 23.28 -1.02
CA TRP B 139 15.63 24.52 -0.35
C TRP B 139 14.84 24.73 0.93
N ARG B 140 13.54 24.44 0.91
CA ARG B 140 12.74 24.56 2.11
C ARG B 140 13.17 23.55 3.17
N LEU B 141 13.52 22.34 2.76
CA LEU B 141 14.03 21.35 3.72
C LEU B 141 15.33 21.82 4.35
N LEU B 142 16.22 22.40 3.56
CA LEU B 142 17.48 22.93 4.10
C LEU B 142 17.21 24.07 5.07
N LYS B 143 16.29 24.97 4.72
CA LYS B 143 15.94 26.06 5.63
C LYS B 143 15.31 25.55 6.91
N LEU B 144 14.52 24.47 6.83
CA LEU B 144 13.96 23.87 8.02
C LEU B 144 15.02 23.24 8.91
N SER B 145 16.01 22.58 8.30
CA SER B 145 17.06 21.91 9.05
C SER B 145 18.23 22.82 9.42
N ARG B 146 18.16 24.10 9.04
CA ARG B 146 19.18 25.07 9.43
C ARG B 146 19.51 25.12 10.92
N PRO B 147 18.56 25.06 11.87
CA PRO B 147 18.96 25.09 13.29
C PRO B 147 19.82 23.91 13.73
N ASP B 148 19.85 22.80 12.97
CA ASP B 148 20.64 21.64 13.34
C ASP B 148 22.05 21.67 12.76
N LEU B 149 22.60 22.86 12.53
CA LEU B 149 23.94 22.98 11.95
C LEU B 149 25.05 22.39 12.79
N PRO B 150 25.16 22.64 14.12
CA PRO B 150 26.28 22.04 14.86
C PRO B 150 26.30 20.53 14.87
N LEU B 151 25.13 19.88 14.95
CA LEU B 151 25.08 18.43 14.92
C LEU B 151 25.55 17.90 13.57
N LEU B 152 25.16 18.55 12.49
CA LEU B 152 25.59 18.13 11.16
C LEU B 152 27.08 18.34 10.98
N VAL B 153 27.62 19.45 11.52
CA VAL B 153 29.05 19.69 11.44
C VAL B 153 29.83 18.62 12.19
N ALA B 154 29.36 18.27 13.39
CA ALA B 154 30.02 17.22 14.17
C ALA B 154 29.94 15.87 13.45
N ALA B 155 28.80 15.57 12.84
CA ALA B 155 28.66 14.33 12.08
C ALA B 155 29.61 14.31 10.89
N PHE B 156 29.74 15.44 10.19
CA PHE B 156 30.67 15.53 9.07
C PHE B 156 32.11 15.32 9.52
N PHE B 157 32.50 15.93 10.64
CA PHE B 157 33.85 15.76 11.14
C PHE B 157 34.13 14.31 11.54
N PHE B 158 33.16 13.68 12.21
CA PHE B 158 33.33 12.30 12.62
C PHE B 158 33.39 11.37 11.41
N LEU B 159 32.60 11.65 10.37
CA LEU B 159 32.64 10.85 9.16
C LEU B 159 33.98 11.00 8.44
N VAL B 160 34.53 12.21 8.41
CA VAL B 160 35.85 12.43 7.82
C VAL B 160 36.90 11.65 8.58
N LEU B 161 36.84 11.69 9.92
CA LEU B 161 37.79 10.92 10.72
C LEU B 161 37.65 9.43 10.45
N ALA B 162 36.42 8.92 10.37
CA ALA B 162 36.21 7.50 10.16
C ALA B 162 36.74 7.05 8.79
N VAL B 163 36.49 7.85 7.76
CA VAL B 163 36.95 7.48 6.42
C VAL B 163 38.47 7.55 6.35
N LEU B 164 39.07 8.62 6.88
CA LEU B 164 40.53 8.74 6.82
C LEU B 164 41.22 7.73 7.72
N GLY B 165 40.54 7.18 8.72
CA GLY B 165 41.14 6.15 9.54
C GLY B 165 40.93 4.76 8.99
N GLU B 166 39.86 4.56 8.22
CA GLU B 166 39.58 3.23 7.70
C GLU B 166 40.53 2.88 6.56
N THR B 167 40.80 3.83 5.66
CA THR B 167 41.60 3.52 4.49
C THR B 167 43.08 3.36 4.80
N LEU B 168 43.53 3.71 6.00
CA LEU B 168 44.93 3.52 6.36
C LEU B 168 45.29 2.05 6.55
N ILE B 169 44.30 1.21 6.84
CA ILE B 169 44.54 -0.20 7.14
C ILE B 169 45.08 -0.96 5.92
N PRO B 170 44.56 -0.81 4.70
CA PRO B 170 45.25 -1.44 3.56
C PRO B 170 46.67 -0.94 3.36
N HIS B 171 46.93 0.34 3.63
CA HIS B 171 48.30 0.86 3.51
C HIS B 171 49.22 0.19 4.52
N TYR B 172 48.76 0.02 5.76
CA TYR B 172 49.58 -0.67 6.74
C TYR B 172 49.68 -2.15 6.45
N SER B 173 48.68 -2.72 5.78
CA SER B 173 48.79 -4.10 5.32
C SER B 173 49.91 -4.25 4.31
N GLY B 174 50.00 -3.28 3.38
CA GLY B 174 51.11 -3.27 2.45
C GLY B 174 52.44 -3.11 3.16
N ARG B 175 52.49 -2.25 4.18
CA ARG B 175 53.72 -2.08 4.95
C ARG B 175 54.12 -3.36 5.67
N VAL B 176 53.15 -4.07 6.25
CA VAL B 176 53.45 -5.31 6.97
C VAL B 176 53.95 -6.38 6.00
N ILE B 177 53.30 -6.51 4.84
CA ILE B 177 53.73 -7.51 3.87
C ILE B 177 55.13 -7.18 3.36
N ASP B 178 55.42 -5.89 3.18
CA ASP B 178 56.77 -5.49 2.77
C ASP B 178 57.79 -5.80 3.86
N ILE B 179 57.42 -5.61 5.12
CA ILE B 179 58.33 -5.91 6.23
C ILE B 179 58.63 -7.39 6.30
N LEU B 180 57.60 -8.23 6.12
CA LEU B 180 57.78 -9.68 6.22
C LEU B 180 58.74 -10.21 5.15
N GLY B 181 58.75 -9.61 3.96
CA GLY B 181 59.69 -10.01 2.95
C GLY B 181 61.10 -9.58 3.27
N GLY B 182 62.05 -10.21 2.58
CA GLY B 182 63.45 -9.90 2.83
C GLY B 182 63.89 -10.40 4.19
N ASP B 183 64.47 -9.51 4.98
CA ASP B 183 64.97 -9.85 6.31
C ASP B 183 63.98 -9.40 7.37
N PHE B 184 63.77 -10.27 8.37
CA PHE B 184 62.78 -10.00 9.40
C PHE B 184 63.28 -8.92 10.36
N ASP B 185 62.32 -8.22 10.97
CA ASP B 185 62.61 -7.18 11.95
C ASP B 185 61.43 -7.10 12.89
N PRO B 186 61.55 -7.68 14.10
CA PRO B 186 60.38 -7.73 15.01
C PRO B 186 59.88 -6.37 15.46
N HIS B 187 60.76 -5.38 15.60
CA HIS B 187 60.35 -4.09 16.12
C HIS B 187 59.44 -3.36 15.14
N ALA B 188 59.80 -3.36 13.86
CA ALA B 188 58.97 -2.71 12.85
C ALA B 188 57.63 -3.42 12.71
N PHE B 189 57.63 -4.75 12.79
CA PHE B 189 56.40 -5.53 12.71
C PHE B 189 55.47 -5.20 13.87
N ALA B 190 56.03 -5.15 15.09
CA ALA B 190 55.22 -4.82 16.25
C ALA B 190 54.68 -3.40 16.17
N SER B 191 55.51 -2.46 15.69
CA SER B 191 55.07 -1.08 15.55
C SER B 191 53.93 -0.97 14.55
N ALA B 192 54.04 -1.66 13.41
CA ALA B 192 52.98 -1.61 12.41
C ALA B 192 51.69 -2.24 12.93
N ILE B 193 51.78 -3.36 13.65
CA ILE B 193 50.59 -3.99 14.19
C ILE B 193 49.91 -3.10 15.23
N PHE B 194 50.71 -2.48 16.11
CA PHE B 194 50.14 -1.59 17.13
C PHE B 194 49.49 -0.38 16.48
N PHE B 195 50.12 0.19 15.45
CA PHE B 195 49.51 1.31 14.73
C PHE B 195 48.20 0.88 14.08
N MET B 196 48.17 -0.33 13.52
CA MET B 196 46.94 -0.85 12.93
C MET B 196 45.82 -0.94 13.96
N CYS B 197 46.13 -1.49 15.13
CA CYS B 197 45.11 -1.62 16.17
C CYS B 197 44.60 -0.26 16.62
N LEU B 198 45.50 0.70 16.82
CA LEU B 198 45.10 2.03 17.25
C LEU B 198 44.22 2.71 16.21
N PHE B 199 44.61 2.63 14.93
CA PHE B 199 43.83 3.30 13.89
C PHE B 199 42.48 2.64 13.70
N SER B 200 42.41 1.30 13.80
CA SER B 200 41.14 0.61 13.69
C SER B 200 40.20 1.00 14.83
N PHE B 201 40.72 1.07 16.06
CA PHE B 201 39.89 1.47 17.19
C PHE B 201 39.40 2.90 17.04
N GLY B 202 40.27 3.82 16.61
CA GLY B 202 39.87 5.20 16.41
C GLY B 202 38.81 5.35 15.32
N SER B 203 38.99 4.64 14.20
CA SER B 203 38.01 4.69 13.13
C SER B 203 36.67 4.14 13.57
N SER B 204 36.67 3.04 14.32
CA SER B 204 35.41 2.48 14.80
C SER B 204 34.70 3.43 15.75
N LEU B 205 35.45 4.06 16.66
CA LEU B 205 34.84 5.02 17.57
C LEU B 205 34.25 6.21 16.83
N SER B 206 34.97 6.73 15.83
CA SER B 206 34.47 7.85 15.06
C SER B 206 33.23 7.48 14.27
N ALA B 207 33.20 6.27 13.71
CA ALA B 207 32.03 5.83 12.96
C ALA B 207 30.81 5.70 13.88
N GLY B 208 31.00 5.17 15.08
CA GLY B 208 29.90 5.08 16.03
C GLY B 208 29.37 6.44 16.42
N CYS B 209 30.26 7.39 16.69
CA CYS B 209 29.83 8.74 17.04
C CYS B 209 29.08 9.40 15.89
N ARG B 210 29.55 9.20 14.65
CA ARG B 210 28.87 9.77 13.49
C ARG B 210 27.47 9.20 13.33
N GLY B 211 27.32 7.88 13.50
CA GLY B 211 26.00 7.28 13.39
C GLY B 211 25.05 7.79 14.47
N GLY B 212 25.55 7.92 15.70
CA GLY B 212 24.71 8.44 16.76
C GLY B 212 24.28 9.88 16.51
N CYS B 213 25.19 10.72 16.03
CA CYS B 213 24.85 12.11 15.74
C CYS B 213 23.81 12.20 14.63
N PHE B 214 23.97 11.39 13.58
CA PHE B 214 23.00 11.43 12.48
C PHE B 214 21.62 10.98 12.94
N THR B 215 21.54 9.92 13.74
CA THR B 215 20.24 9.48 14.24
C THR B 215 19.60 10.54 15.12
N TYR B 216 20.38 11.18 15.99
CA TYR B 216 19.82 12.18 16.88
C TYR B 216 19.32 13.40 16.11
N THR B 217 20.07 13.85 15.09
CA THR B 217 19.59 15.02 14.35
C THR B 217 18.37 14.67 13.51
N MET B 218 18.26 13.43 13.03
CA MET B 218 17.04 13.03 12.34
C MET B 218 15.85 13.09 13.29
N SER B 219 16.02 12.61 14.53
CA SER B 219 14.93 12.65 15.49
C SER B 219 14.54 14.08 15.84
N ARG B 220 15.52 14.97 16.01
CA ARG B 220 15.22 16.36 16.32
C ARG B 220 14.47 17.03 15.18
N ILE B 221 14.87 16.75 13.93
CA ILE B 221 14.17 17.29 12.77
C ILE B 221 12.74 16.82 12.75
N ASN B 222 12.53 15.54 13.06
CA ASN B 222 11.15 14.97 13.05
C ASN B 222 10.30 15.71 14.09
N LEU B 223 10.82 15.87 15.31
CA LEU B 223 10.03 16.52 16.36
C LEU B 223 9.70 17.96 15.99
N ARG B 224 10.69 18.70 15.46
CA ARG B 224 10.46 20.10 15.11
C ARG B 224 9.42 20.23 13.99
N ILE B 225 9.52 19.39 12.96
CA ILE B 225 8.58 19.52 11.84
C ILE B 225 7.18 19.11 12.28
N ARG B 226 7.06 18.12 13.17
CA ARG B 226 5.73 17.75 13.65
C ARG B 226 5.09 18.88 14.45
N GLU B 227 5.87 19.51 15.34
CA GLU B 227 5.34 20.61 16.13
C GLU B 227 4.95 21.79 15.24
N GLN B 228 5.80 22.11 14.26
CA GLN B 228 5.48 23.22 13.35
C GLN B 228 4.23 22.94 12.53
N LEU B 229 4.08 21.71 12.04
CA LEU B 229 2.92 21.37 11.24
C LEU B 229 1.64 21.45 12.07
N PHE B 230 1.67 20.96 13.32
CA PHE B 230 0.47 21.05 14.15
C PHE B 230 0.13 22.49 14.50
N SER B 231 1.15 23.30 14.81
CA SER B 231 0.90 24.69 15.14
C SER B 231 0.35 25.46 13.94
N SER B 232 0.77 25.10 12.73
CA SER B 232 0.24 25.76 11.55
C SER B 232 -1.18 25.27 11.23
N LEU B 233 -1.45 23.99 11.44
CA LEU B 233 -2.77 23.45 11.13
C LEU B 233 -3.82 23.90 12.12
N LEU B 234 -3.41 24.26 13.35
CA LEU B 234 -4.38 24.69 14.35
C LEU B 234 -4.99 26.05 14.04
N ARG B 235 -4.38 26.82 13.14
CA ARG B 235 -4.84 28.19 12.87
C ARG B 235 -5.83 28.29 11.73
N GLN B 236 -6.13 27.19 11.04
CA GLN B 236 -7.03 27.23 9.89
C GLN B 236 -8.47 27.44 10.36
N ASP B 237 -9.31 27.86 9.42
CA ASP B 237 -10.71 28.11 9.71
C ASP B 237 -11.48 26.79 9.79
N LEU B 238 -12.79 26.89 10.03
CA LEU B 238 -13.63 25.70 10.09
C LEU B 238 -13.83 25.09 8.70
N GLY B 239 -13.86 25.92 7.66
CA GLY B 239 -14.09 25.43 6.31
C GLY B 239 -13.02 24.49 5.83
N PHE B 240 -11.77 24.73 6.21
CA PHE B 240 -10.68 23.83 5.82
C PHE B 240 -10.86 22.46 6.44
N PHE B 241 -11.28 22.42 7.71
CA PHE B 241 -11.48 21.13 8.37
C PHE B 241 -12.71 20.41 7.85
N GLN B 242 -13.75 21.15 7.48
CA GLN B 242 -14.91 20.51 6.86
C GLN B 242 -14.57 19.99 5.46
N GLU B 243 -13.69 20.68 4.74
CA GLU B 243 -13.33 20.26 3.39
C GLU B 243 -12.51 18.98 3.40
N THR B 244 -11.49 18.92 4.26
CA THR B 244 -10.57 17.80 4.27
C THR B 244 -11.08 16.70 5.20
N LYS B 245 -10.29 15.65 5.35
CA LYS B 245 -10.65 14.48 6.13
C LYS B 245 -9.69 14.31 7.30
N THR B 246 -10.23 13.88 8.44
CA THR B 246 -9.41 13.68 9.63
C THR B 246 -8.38 12.58 9.43
N GLY B 247 -8.78 11.49 8.77
CA GLY B 247 -7.85 10.38 8.53
C GLY B 247 -6.69 10.78 7.63
N GLU B 248 -6.96 11.65 6.65
CA GLU B 248 -5.89 12.15 5.80
C GLU B 248 -4.88 12.96 6.60
N LEU B 249 -5.36 13.82 7.51
CA LEU B 249 -4.46 14.59 8.35
C LEU B 249 -3.67 13.68 9.28
N ASN B 250 -4.32 12.62 9.80
CA ASN B 250 -3.61 11.65 10.62
C ASN B 250 -2.51 10.96 9.83
N SER B 251 -2.81 10.56 8.59
CA SER B 251 -1.81 9.91 7.76
C SER B 251 -0.63 10.84 7.49
N ARG B 252 -0.91 12.11 7.18
CA ARG B 252 0.16 13.06 6.94
C ARG B 252 1.02 13.24 8.17
N LEU B 253 0.39 13.55 9.32
CA LEU B 253 1.12 13.84 10.54
C LEU B 253 1.88 12.63 11.06
N SER B 254 1.43 11.41 10.73
CA SER B 254 2.08 10.22 11.26
C SER B 254 3.09 9.60 10.31
N SER B 255 3.04 9.91 9.01
CA SER B 255 3.96 9.28 8.07
C SER B 255 4.84 10.29 7.33
N ASP B 256 4.25 11.37 6.82
CA ASP B 256 4.99 12.25 5.93
C ASP B 256 6.05 13.05 6.69
N THR B 257 5.78 13.39 7.95
CA THR B 257 6.79 14.06 8.76
C THR B 257 8.01 13.18 8.96
N THR B 258 7.79 11.89 9.25
CA THR B 258 8.91 10.96 9.41
C THR B 258 9.66 10.79 8.11
N LEU B 259 8.94 10.69 6.99
CA LEU B 259 9.59 10.53 5.69
C LEU B 259 10.41 11.77 5.33
N MET B 260 9.90 12.96 5.67
CA MET B 260 10.64 14.19 5.45
C MET B 260 11.89 14.25 6.31
N SER B 261 11.77 13.83 7.58
CA SER B 261 12.90 13.90 8.49
C SER B 261 13.98 12.89 8.10
N ASN B 262 13.59 11.77 7.49
CA ASN B 262 14.58 10.79 7.08
C ASN B 262 15.36 11.20 5.85
N TRP B 263 15.02 12.33 5.23
CA TRP B 263 15.62 12.70 3.95
C TRP B 263 17.04 13.24 4.12
N LEU B 264 17.19 14.35 4.84
CA LEU B 264 18.49 15.03 4.88
C LEU B 264 19.60 14.22 5.54
N PRO B 265 19.42 13.60 6.72
CA PRO B 265 20.57 12.88 7.31
C PRO B 265 21.06 11.71 6.47
N LEU B 266 20.16 10.87 5.98
CA LEU B 266 20.57 9.70 5.20
C LEU B 266 21.24 10.11 3.90
N ASN B 267 20.61 11.05 3.16
CA ASN B 267 21.16 11.48 1.89
C ASN B 267 22.49 12.19 2.07
N ALA B 268 22.58 13.06 3.07
CA ALA B 268 23.84 13.77 3.33
C ALA B 268 24.93 12.80 3.74
N ASN B 269 24.61 11.81 4.57
CA ASN B 269 25.59 10.80 4.97
C ASN B 269 26.10 10.04 3.77
N VAL B 270 25.18 9.59 2.90
CA VAL B 270 25.57 8.81 1.73
C VAL B 270 26.46 9.64 0.81
N LEU B 271 26.03 10.87 0.50
CA LEU B 271 26.78 11.71 -0.42
C LEU B 271 28.15 12.06 0.12
N LEU B 272 28.22 12.47 1.40
CA LEU B 272 29.49 12.90 1.96
C LEU B 272 30.45 11.73 2.14
N ARG B 273 29.93 10.58 2.58
CA ARG B 273 30.77 9.40 2.71
C ARG B 273 31.32 8.98 1.36
N SER B 274 30.49 8.96 0.33
CA SER B 274 30.95 8.57 -1.00
C SER B 274 32.02 9.53 -1.52
N LEU B 275 31.78 10.84 -1.37
CA LEU B 275 32.72 11.82 -1.90
C LEU B 275 34.06 11.77 -1.17
N VAL B 276 34.02 11.70 0.16
CA VAL B 276 35.26 11.69 0.94
C VAL B 276 36.01 10.39 0.72
N LYS B 277 35.30 9.27 0.62
CA LYS B 277 35.95 8.00 0.33
C LYS B 277 36.61 8.02 -1.04
N VAL B 278 35.95 8.57 -2.05
CA VAL B 278 36.53 8.64 -3.38
C VAL B 278 37.78 9.49 -3.38
N VAL B 279 37.72 10.65 -2.72
CA VAL B 279 38.88 11.55 -2.67
C VAL B 279 40.04 10.88 -1.95
N GLY B 280 39.78 10.24 -0.82
CA GLY B 280 40.85 9.59 -0.08
C GLY B 280 41.47 8.42 -0.81
N LEU B 281 40.63 7.58 -1.43
CA LEU B 281 41.14 6.45 -2.18
C LEU B 281 41.98 6.91 -3.37
N TYR B 282 41.52 7.93 -4.10
CA TYR B 282 42.30 8.40 -5.24
C TYR B 282 43.59 9.08 -4.79
N GLY B 283 43.56 9.79 -3.67
CA GLY B 283 44.80 10.35 -3.15
C GLY B 283 45.81 9.28 -2.78
N PHE B 284 45.35 8.22 -2.10
CA PHE B 284 46.26 7.15 -1.74
C PHE B 284 46.78 6.41 -2.97
N MET B 285 45.92 6.18 -3.96
CA MET B 285 46.35 5.49 -5.17
C MET B 285 47.36 6.31 -5.95
N LEU B 286 47.17 7.64 -6.00
CA LEU B 286 48.17 8.50 -6.63
C LEU B 286 49.45 8.54 -5.81
N SER B 287 49.35 8.37 -4.49
CA SER B 287 50.56 8.30 -3.67
C SER B 287 51.34 7.02 -3.93
N ILE B 288 50.64 5.93 -4.22
CA ILE B 288 51.32 4.65 -4.48
C ILE B 288 52.06 4.70 -5.82
N SER B 289 51.32 4.90 -6.90
CA SER B 289 51.93 4.98 -8.22
C SER B 289 51.00 5.74 -9.17
N PRO B 290 51.52 6.72 -9.92
CA PRO B 290 50.65 7.52 -10.79
C PRO B 290 50.27 6.81 -12.08
N ARG B 291 51.17 5.99 -12.63
CA ARG B 291 50.89 5.31 -13.89
C ARG B 291 49.75 4.31 -13.73
N LEU B 292 49.77 3.54 -12.65
CA LEU B 292 48.67 2.62 -12.37
C LEU B 292 47.37 3.38 -12.12
N THR B 293 47.46 4.56 -11.50
CA THR B 293 46.28 5.37 -11.29
C THR B 293 45.70 5.86 -12.61
N LEU B 294 46.55 6.22 -13.55
CA LEU B 294 46.07 6.63 -14.87
C LEU B 294 45.43 5.46 -15.61
N LEU B 295 46.04 4.28 -15.53
CA LEU B 295 45.46 3.10 -16.17
C LEU B 295 44.14 2.70 -15.51
N SER B 296 43.98 3.02 -14.23
CA SER B 296 42.68 2.78 -13.58
C SER B 296 41.66 3.83 -14.01
N LEU B 297 42.08 5.09 -14.12
CA LEU B 297 41.17 6.17 -14.51
C LEU B 297 40.71 6.05 -15.94
N LEU B 298 41.48 5.37 -16.80
CA LEU B 298 41.04 5.12 -18.16
C LEU B 298 39.77 4.26 -18.20
N HIS B 299 39.53 3.45 -17.18
CA HIS B 299 38.42 2.49 -17.19
C HIS B 299 37.06 3.14 -16.98
N MET B 300 37.01 4.26 -16.26
CA MET B 300 35.73 4.82 -15.83
C MET B 300 34.77 5.24 -16.94
N PRO B 301 35.18 5.99 -17.98
CA PRO B 301 34.18 6.45 -18.96
C PRO B 301 33.45 5.34 -19.70
N PHE B 302 34.15 4.24 -20.01
CA PHE B 302 33.49 3.12 -20.68
C PHE B 302 32.44 2.49 -19.77
N THR B 303 32.76 2.37 -18.48
CA THR B 303 31.79 1.84 -17.52
C THR B 303 30.57 2.75 -17.42
N ILE B 304 30.79 4.07 -17.39
CA ILE B 304 29.68 5.02 -17.29
C ILE B 304 28.79 4.93 -18.53
N ALA B 305 29.41 4.87 -19.71
CA ALA B 305 28.64 4.79 -20.95
C ALA B 305 27.83 3.50 -21.03
N ALA B 306 28.45 2.38 -20.65
CA ALA B 306 27.75 1.10 -20.64
C ALA B 306 26.58 1.12 -19.66
N GLU B 307 26.79 1.72 -18.49
CA GLU B 307 25.72 1.82 -17.50
C GLU B 307 24.56 2.65 -18.03
N LYS B 308 24.85 3.77 -18.69
CA LYS B 308 23.79 4.62 -19.23
C LYS B 308 23.00 3.90 -20.32
N VAL B 309 23.70 3.24 -21.24
CA VAL B 309 23.02 2.54 -22.32
C VAL B 309 22.17 1.40 -21.79
N TYR B 310 22.70 0.62 -20.84
CA TYR B 310 21.95 -0.47 -20.26
C TYR B 310 20.73 0.04 -19.50
N ASN B 311 20.88 1.16 -18.78
CA ASN B 311 19.74 1.73 -18.06
C ASN B 311 18.64 2.16 -19.02
N THR B 312 19.02 2.79 -20.14
CA THR B 312 18.02 3.22 -21.12
C THR B 312 17.27 2.02 -21.70
N ARG B 313 18.01 0.99 -22.11
CA ARG B 313 17.34 -0.17 -22.71
C ARG B 313 16.50 -0.92 -21.68
N HIS B 314 16.97 -1.00 -20.43
CA HIS B 314 16.23 -1.67 -19.37
C HIS B 314 14.92 -0.95 -19.08
N GLN B 315 14.95 0.39 -19.02
CA GLN B 315 13.71 1.14 -18.83
C GLN B 315 12.77 0.97 -20.01
N GLU B 316 13.32 0.94 -21.23
CA GLU B 316 12.50 0.75 -22.41
C GLU B 316 11.78 -0.59 -22.38
N VAL B 317 12.47 -1.65 -21.96
CA VAL B 317 11.83 -2.97 -21.91
C VAL B 317 10.92 -3.08 -20.68
N LEU B 318 11.22 -2.30 -19.63
CA LEU B 318 10.39 -2.35 -18.43
C LEU B 318 9.02 -1.72 -18.66
N ARG B 319 8.97 -0.67 -19.47
CA ARG B 319 7.68 -0.08 -19.83
C ARG B 319 6.81 -1.10 -20.57
N GLU B 320 7.41 -1.84 -21.51
CA GLU B 320 6.66 -2.87 -22.23
C GLU B 320 6.27 -4.03 -21.32
N ILE B 321 7.11 -4.36 -20.34
CA ILE B 321 6.76 -5.38 -19.35
C ILE B 321 5.52 -4.95 -18.57
N GLN B 322 5.49 -3.69 -18.14
CA GLN B 322 4.34 -3.18 -17.41
C GLN B 322 3.08 -3.19 -18.27
N ASP B 323 3.21 -2.81 -19.54
CA ASP B 323 2.06 -2.84 -20.43
C ASP B 323 1.54 -4.27 -20.62
N ALA B 324 2.46 -5.23 -20.78
CA ALA B 324 2.05 -6.62 -20.97
C ALA B 324 1.40 -7.18 -19.71
N VAL B 325 1.92 -6.84 -18.54
CA VAL B 325 1.31 -7.37 -17.31
C VAL B 325 -0.04 -6.72 -17.05
N ALA B 326 -0.23 -5.46 -17.46
CA ALA B 326 -1.57 -4.86 -17.37
C ALA B 326 -2.54 -5.56 -18.31
N ARG B 327 -2.10 -5.85 -19.54
CA ARG B 327 -2.95 -6.58 -20.48
C ARG B 327 -3.29 -7.96 -19.96
N ALA B 328 -2.33 -8.62 -19.30
CA ALA B 328 -2.58 -9.95 -18.74
C ALA B 328 -3.50 -9.88 -17.53
N GLY B 329 -3.46 -8.79 -16.76
CA GLY B 329 -4.42 -8.63 -15.68
C GLY B 329 -5.81 -8.26 -16.13
N GLN B 330 -5.93 -7.69 -17.34
CA GLN B 330 -7.25 -7.32 -17.86
C GLN B 330 -8.17 -8.53 -18.00
N VAL B 331 -7.65 -9.64 -18.53
CA VAL B 331 -8.51 -10.80 -18.77
C VAL B 331 -8.94 -11.44 -17.46
N VAL B 332 -8.05 -11.50 -16.47
CA VAL B 332 -8.46 -12.07 -15.18
C VAL B 332 -9.43 -11.14 -14.46
N ARG B 333 -9.30 -9.82 -14.67
CA ARG B 333 -10.30 -8.89 -14.14
C ARG B 333 -11.67 -9.14 -14.78
N GLU B 334 -11.70 -9.33 -16.10
CA GLU B 334 -12.96 -9.61 -16.79
C GLU B 334 -13.55 -10.92 -16.32
N ALA B 335 -12.72 -11.95 -16.11
CA ALA B 335 -13.20 -13.24 -15.66
C ALA B 335 -13.78 -13.16 -14.26
N VAL B 336 -13.09 -12.48 -13.34
CA VAL B 336 -13.61 -12.39 -11.98
C VAL B 336 -14.83 -11.47 -11.93
N GLY B 337 -14.98 -10.58 -12.91
CA GLY B 337 -16.17 -9.76 -12.97
C GLY B 337 -17.39 -10.47 -13.54
N GLY B 338 -17.17 -11.35 -14.51
CA GLY B 338 -18.30 -11.98 -15.18
C GLY B 338 -18.26 -13.50 -15.22
N LEU B 339 -17.72 -14.11 -14.17
CA LEU B 339 -17.67 -15.57 -14.09
C LEU B 339 -19.06 -16.20 -14.13
N GLN B 340 -20.08 -15.50 -13.64
CA GLN B 340 -21.44 -16.03 -13.72
C GLN B 340 -21.87 -16.22 -15.17
N THR B 341 -21.70 -15.20 -16.00
CA THR B 341 -22.02 -15.33 -17.41
C THR B 341 -21.07 -16.29 -18.11
N VAL B 342 -19.84 -16.42 -17.60
CA VAL B 342 -18.89 -17.39 -18.15
C VAL B 342 -19.41 -18.81 -17.96
N ARG B 343 -19.85 -19.12 -16.75
CA ARG B 343 -20.38 -20.45 -16.46
C ARG B 343 -21.73 -20.67 -17.12
N SER B 344 -22.49 -19.61 -17.37
CA SER B 344 -23.82 -19.74 -17.93
C SER B 344 -23.77 -20.26 -19.36
N PHE B 345 -23.07 -19.55 -20.25
CA PHE B 345 -23.06 -19.91 -21.66
C PHE B 345 -22.08 -21.03 -21.95
N GLY B 346 -20.79 -20.77 -21.72
CA GLY B 346 -19.73 -21.67 -22.13
C GLY B 346 -18.97 -22.26 -20.96
N ALA B 347 -17.73 -22.64 -21.24
CA ALA B 347 -16.85 -23.27 -20.26
C ALA B 347 -15.67 -22.36 -19.97
N GLU B 348 -14.94 -22.70 -18.91
CA GLU B 348 -13.84 -21.87 -18.44
C GLU B 348 -12.63 -21.93 -19.37
N GLU B 349 -12.51 -23.00 -20.17
CA GLU B 349 -11.31 -23.19 -20.99
C GLU B 349 -11.12 -22.05 -21.97
N HIS B 350 -12.20 -21.63 -22.63
CA HIS B 350 -12.13 -20.52 -23.57
C HIS B 350 -11.68 -19.23 -22.90
N GLU B 351 -11.85 -19.11 -21.59
CA GLU B 351 -11.20 -18.03 -20.85
C GLU B 351 -9.76 -18.42 -20.50
N VAL B 352 -9.58 -19.61 -19.92
CA VAL B 352 -8.31 -19.97 -19.30
C VAL B 352 -7.19 -19.97 -20.33
N CYS B 353 -7.44 -20.61 -21.49
CA CYS B 353 -6.46 -20.65 -22.56
C CYS B 353 -6.07 -19.24 -22.98
N ARG B 354 -7.04 -18.33 -23.06
CA ARG B 354 -6.75 -16.94 -23.38
C ARG B 354 -5.72 -16.37 -22.43
N TYR B 355 -5.92 -16.59 -21.12
CA TYR B 355 -4.97 -16.14 -20.12
C TYR B 355 -3.58 -16.70 -20.41
N LYS B 356 -3.53 -18.00 -20.73
CA LYS B 356 -2.25 -18.64 -21.03
C LYS B 356 -1.55 -17.92 -22.17
N GLU B 357 -2.32 -17.57 -23.21
CA GLU B 357 -1.73 -16.86 -24.35
C GLU B 357 -1.07 -15.57 -23.90
N ALA B 358 -1.77 -14.80 -23.06
CA ALA B 358 -1.20 -13.56 -22.56
C ALA B 358 0.08 -13.84 -21.78
N LEU B 359 0.06 -14.89 -20.95
CA LEU B 359 1.24 -15.26 -20.19
C LEU B 359 2.42 -15.52 -21.10
N GLU B 360 2.16 -16.20 -22.22
CA GLU B 360 3.24 -16.48 -23.18
C GLU B 360 3.91 -15.20 -23.61
N GLN B 361 3.12 -14.21 -24.02
CA GLN B 361 3.69 -12.92 -24.42
C GLN B 361 4.49 -12.34 -23.28
N CYS B 362 3.90 -12.31 -22.09
CA CYS B 362 4.58 -11.79 -20.92
C CYS B 362 5.89 -12.53 -20.69
N ARG B 363 5.83 -13.86 -20.77
CA ARG B 363 7.02 -14.66 -20.51
C ARG B 363 8.14 -14.29 -21.46
N GLN B 364 7.80 -14.12 -22.75
CA GLN B 364 8.81 -13.77 -23.74
C GLN B 364 9.50 -12.47 -23.34
N LEU B 365 8.68 -11.46 -23.01
CA LEU B 365 9.24 -10.17 -22.64
C LEU B 365 10.13 -10.30 -21.42
N TYR B 366 9.67 -11.08 -20.42
CA TYR B 366 10.48 -11.30 -19.22
C TYR B 366 11.86 -11.79 -19.60
N TRP B 367 11.91 -12.84 -20.44
CA TRP B 367 13.19 -13.41 -20.80
C TRP B 367 14.07 -12.38 -21.47
N ARG B 368 13.49 -11.57 -22.37
CA ARG B 368 14.25 -10.56 -23.07
C ARG B 368 14.95 -9.65 -22.08
N ARG B 369 14.19 -9.13 -21.11
CA ARG B 369 14.77 -8.22 -20.13
C ARG B 369 15.92 -8.90 -19.40
N ASP B 370 15.68 -10.12 -18.92
CA ASP B 370 16.69 -10.82 -18.15
C ASP B 370 17.91 -11.07 -19.01
N LEU B 371 17.69 -11.45 -20.28
CA LEU B 371 18.81 -11.72 -21.16
C LEU B 371 19.68 -10.49 -21.29
N GLU B 372 19.05 -9.33 -21.50
CA GLU B 372 19.82 -8.09 -21.64
C GLU B 372 20.63 -7.84 -20.39
N ARG B 373 20.02 -8.03 -19.22
CA ARG B 373 20.73 -7.80 -17.97
C ARG B 373 21.95 -8.69 -17.89
N ALA B 374 21.79 -9.98 -18.24
CA ALA B 374 22.92 -10.90 -18.18
C ALA B 374 24.03 -10.42 -19.09
N LEU B 375 23.68 -10.03 -20.31
CA LEU B 375 24.69 -9.56 -21.25
C LEU B 375 25.42 -8.35 -20.68
N TYR B 376 24.67 -7.41 -20.11
CA TYR B 376 25.29 -6.23 -19.55
C TYR B 376 26.27 -6.61 -18.46
N LEU B 377 25.86 -7.54 -17.58
CA LEU B 377 26.74 -7.95 -16.49
C LEU B 377 28.03 -8.53 -17.05
N LEU B 378 27.91 -9.37 -18.08
CA LEU B 378 29.09 -9.99 -18.67
C LEU B 378 30.04 -8.92 -19.16
N VAL B 379 29.51 -7.91 -19.86
CA VAL B 379 30.36 -6.85 -20.39
C VAL B 379 31.09 -6.16 -19.25
N ARG B 380 30.36 -5.81 -18.18
CA ARG B 380 30.98 -5.17 -17.05
C ARG B 380 32.07 -6.05 -16.47
N ARG B 381 31.75 -7.34 -16.29
CA ARG B 381 32.72 -8.28 -15.76
C ARG B 381 33.97 -8.31 -16.63
N VAL B 382 33.76 -8.42 -17.95
CA VAL B 382 34.89 -8.48 -18.87
C VAL B 382 35.70 -7.20 -18.75
N LEU B 383 35.02 -6.06 -18.69
CA LEU B 383 35.72 -4.79 -18.59
C LEU B 383 36.57 -4.76 -17.32
N HIS B 384 35.97 -5.21 -16.21
CA HIS B 384 36.72 -5.31 -14.96
C HIS B 384 37.96 -6.15 -15.15
N LEU B 385 37.78 -7.40 -15.59
CA LEU B 385 38.96 -8.27 -15.86
C LEU B 385 39.98 -7.51 -16.71
N GLY B 386 39.53 -6.86 -17.78
CA GLY B 386 40.41 -6.15 -18.68
C GLY B 386 41.35 -5.28 -17.89
N VAL B 387 40.79 -4.30 -17.15
CA VAL B 387 41.65 -3.34 -16.48
C VAL B 387 42.51 -4.05 -15.46
N GLN B 388 41.92 -5.06 -14.78
CA GLN B 388 42.66 -5.79 -13.77
C GLN B 388 43.90 -6.41 -14.37
N MET B 389 43.72 -7.15 -15.47
CA MET B 389 44.86 -7.80 -16.11
C MET B 389 45.90 -6.76 -16.49
N LEU B 390 45.44 -5.69 -17.16
CA LEU B 390 46.39 -4.67 -17.61
C LEU B 390 47.11 -4.06 -16.43
N MET B 391 46.35 -3.72 -15.39
CA MET B 391 46.95 -3.08 -14.23
C MET B 391 47.97 -4.01 -13.61
N LEU B 392 47.60 -5.29 -13.49
CA LEU B 392 48.51 -6.27 -12.90
C LEU B 392 49.81 -6.32 -13.68
N SER B 393 49.70 -6.38 -15.01
CA SER B 393 50.90 -6.45 -15.83
C SER B 393 51.75 -5.21 -15.62
N CYS B 394 51.09 -4.04 -15.64
CA CYS B 394 51.83 -2.80 -15.45
C CYS B 394 52.50 -2.79 -14.09
N GLY B 395 51.78 -3.24 -13.06
CA GLY B 395 52.37 -3.28 -11.73
C GLY B 395 53.59 -4.16 -11.69
N LEU B 396 53.51 -5.33 -12.34
CA LEU B 396 54.64 -6.23 -12.32
C LEU B 396 55.81 -5.65 -13.08
N GLN B 397 55.54 -4.84 -14.10
CA GLN B 397 56.62 -4.15 -14.79
C GLN B 397 57.38 -3.24 -13.83
N GLN B 398 56.63 -2.51 -13.00
CA GLN B 398 57.29 -1.66 -12.01
C GLN B 398 58.04 -2.49 -11.00
N MET B 399 57.57 -3.73 -10.74
CA MET B 399 58.30 -4.60 -9.84
C MET B 399 59.68 -4.94 -10.39
N GLN B 400 59.83 -4.95 -11.72
CA GLN B 400 61.15 -5.16 -12.28
C GLN B 400 61.99 -3.90 -12.17
N ASP B 401 61.37 -2.72 -12.15
CA ASP B 401 62.11 -1.48 -12.14
C ASP B 401 62.49 -1.02 -10.74
N GLY B 402 62.00 -1.69 -9.70
CA GLY B 402 62.31 -1.28 -8.34
C GLY B 402 61.53 -0.08 -7.84
N GLU B 403 60.56 0.39 -8.60
CA GLU B 403 59.75 1.54 -8.20
C GLU B 403 58.50 1.14 -7.43
N LEU B 404 58.36 -0.14 -7.10
CA LEU B 404 57.21 -0.62 -6.35
C LEU B 404 57.66 -1.79 -5.48
N THR B 405 56.74 -2.27 -4.65
CA THR B 405 56.98 -3.43 -3.81
C THR B 405 55.71 -4.27 -3.75
N GLN B 406 55.83 -5.45 -3.16
CA GLN B 406 54.70 -6.38 -3.10
C GLN B 406 53.54 -5.81 -2.30
N GLY B 407 53.84 -5.20 -1.16
CA GLY B 407 52.77 -4.64 -0.35
C GLY B 407 52.08 -3.46 -1.02
N SER B 408 52.84 -2.65 -1.75
CA SER B 408 52.23 -1.54 -2.49
C SER B 408 51.27 -2.08 -3.55
N LEU B 409 51.66 -3.16 -4.23
CA LEU B 409 50.78 -3.76 -5.23
C LEU B 409 49.51 -4.32 -4.59
N LEU B 410 49.64 -4.97 -3.43
CA LEU B 410 48.46 -5.49 -2.75
C LEU B 410 47.52 -4.37 -2.32
N SER B 411 48.07 -3.29 -1.77
CA SER B 411 47.24 -2.17 -1.34
C SER B 411 46.56 -1.50 -2.53
N PHE B 412 47.28 -1.40 -3.65
CA PHE B 412 46.67 -0.82 -4.85
C PHE B 412 45.54 -1.70 -5.37
N MET B 413 45.72 -3.02 -5.31
CA MET B 413 44.64 -3.93 -5.71
C MET B 413 43.42 -3.73 -4.82
N ILE B 414 43.64 -3.57 -3.52
CA ILE B 414 42.53 -3.35 -2.58
C ILE B 414 41.80 -2.06 -2.91
N TYR B 415 42.55 -0.98 -3.14
CA TYR B 415 41.93 0.31 -3.46
C TYR B 415 41.15 0.25 -4.77
N GLN B 416 41.72 -0.40 -5.79
CA GLN B 416 41.05 -0.52 -7.08
C GLN B 416 39.77 -1.31 -6.96
N GLU B 417 39.78 -2.38 -6.16
CA GLU B 417 38.56 -3.14 -5.91
C GLU B 417 37.52 -2.27 -5.21
N SER B 418 37.94 -1.45 -4.25
CA SER B 418 36.99 -0.75 -3.41
C SER B 418 36.35 0.47 -4.09
N VAL B 419 37.06 1.15 -5.00
CA VAL B 419 36.63 2.48 -5.43
C VAL B 419 35.34 2.49 -6.27
N GLY B 420 34.99 1.35 -6.89
CA GLY B 420 33.93 1.38 -7.91
C GLY B 420 32.55 1.68 -7.37
N SER B 421 32.18 1.05 -6.25
CA SER B 421 30.85 1.26 -5.68
C SER B 421 30.67 2.72 -5.25
N TYR B 422 31.70 3.31 -4.67
CA TYR B 422 31.63 4.71 -4.26
C TYR B 422 31.54 5.63 -5.46
N VAL B 423 32.32 5.35 -6.52
CA VAL B 423 32.27 6.24 -7.67
C VAL B 423 30.96 6.09 -8.44
N GLN B 424 30.24 4.97 -8.25
CA GLN B 424 28.91 4.87 -8.83
C GLN B 424 27.84 5.53 -7.96
N THR B 425 27.95 5.39 -6.64
CA THR B 425 27.00 6.06 -5.74
C THR B 425 27.12 7.57 -5.84
N LEU B 426 28.32 8.08 -6.12
CA LEU B 426 28.54 9.51 -6.25
C LEU B 426 27.74 10.10 -7.42
N VAL B 427 27.42 9.30 -8.44
CA VAL B 427 26.59 9.78 -9.53
C VAL B 427 25.13 9.37 -9.36
N TYR B 428 24.83 8.33 -8.58
CA TYR B 428 23.44 7.95 -8.36
C TYR B 428 22.75 8.73 -7.24
N ILE B 429 23.51 9.44 -6.41
CA ILE B 429 22.92 10.12 -5.26
C ILE B 429 21.99 11.24 -5.72
N TYR B 430 22.40 12.01 -6.74
CA TYR B 430 21.56 13.10 -7.23
C TYR B 430 20.26 12.59 -7.83
N GLY B 431 20.33 11.46 -8.56
CA GLY B 431 19.12 10.86 -9.08
C GLY B 431 18.20 10.36 -7.98
N ASP B 432 18.78 9.84 -6.90
CA ASP B 432 17.95 9.36 -5.79
C ASP B 432 17.32 10.52 -5.01
N MET B 433 18.01 11.66 -4.93
CA MET B 433 17.53 12.76 -4.10
C MET B 433 16.22 13.33 -4.60
N LEU B 434 16.14 13.63 -5.90
CA LEU B 434 14.92 14.20 -6.46
C LEU B 434 13.78 13.18 -6.46
N SER B 435 14.11 11.89 -6.57
CA SER B 435 13.09 10.86 -6.46
C SER B 435 12.50 10.80 -5.07
N ASN B 436 13.36 10.90 -4.04
CA ASN B 436 12.90 10.76 -2.67
C ASN B 436 12.32 12.05 -2.08
N VAL B 437 12.59 13.20 -2.69
CA VAL B 437 12.12 14.46 -2.11
C VAL B 437 10.63 14.70 -2.35
N GLY B 438 9.98 13.86 -3.16
CA GLY B 438 8.60 14.11 -3.56
C GLY B 438 7.57 13.94 -2.46
N ALA B 439 7.97 13.43 -1.29
CA ALA B 439 7.02 13.29 -0.19
C ALA B 439 6.69 14.60 0.50
N ALA B 440 7.58 15.59 0.43
CA ALA B 440 7.46 16.78 1.24
C ALA B 440 6.47 17.80 0.70
N GLU B 441 5.89 17.58 -0.48
CA GLU B 441 5.03 18.59 -1.09
C GLU B 441 3.71 18.72 -0.33
N LYS B 442 3.16 17.60 0.17
CA LYS B 442 1.85 17.64 0.81
C LYS B 442 1.89 18.42 2.11
N VAL B 443 2.89 18.14 2.97
CA VAL B 443 2.98 18.81 4.26
C VAL B 443 3.25 20.30 4.07
N PHE B 444 4.15 20.64 3.14
CA PHE B 444 4.44 22.05 2.90
C PHE B 444 3.27 22.78 2.27
N SER B 445 2.47 22.09 1.45
CA SER B 445 1.26 22.71 0.93
C SER B 445 0.24 22.95 2.05
N TYR B 446 0.16 22.01 2.99
CA TYR B 446 -0.72 22.21 4.15
C TYR B 446 -0.25 23.37 5.02
N MET B 447 1.07 23.52 5.17
CA MET B 447 1.61 24.60 6.00
C MET B 447 1.45 25.96 5.33
N ASP B 448 1.52 26.01 4.00
CA ASP B 448 1.53 27.26 3.28
C ASP B 448 0.15 27.74 2.86
N ARG B 449 -0.91 27.03 3.23
CA ARG B 449 -2.25 27.48 2.91
C ARG B 449 -2.61 28.70 3.76
N GLN B 450 -2.95 29.79 3.10
CA GLN B 450 -3.28 31.02 3.81
C GLN B 450 -4.69 30.93 4.37
N PRO B 451 -4.90 31.13 5.66
CA PRO B 451 -6.26 31.11 6.21
C PRO B 451 -7.08 32.28 5.68
N ASN B 452 -8.38 32.05 5.53
CA ASN B 452 -9.30 33.04 5.01
C ASN B 452 -10.03 33.80 6.11
N LEU B 453 -9.62 33.62 7.36
CA LEU B 453 -10.25 34.34 8.45
C LEU B 453 -9.92 35.83 8.36
N PRO B 454 -10.78 36.71 8.89
CA PRO B 454 -10.50 38.14 8.83
C PRO B 454 -9.31 38.55 9.68
N SER B 455 -8.98 39.85 9.66
CA SER B 455 -7.85 40.33 10.44
C SER B 455 -8.14 40.17 11.93
N PRO B 456 -7.14 39.79 12.74
CA PRO B 456 -7.38 39.64 14.18
C PRO B 456 -7.75 40.97 14.82
N GLY B 457 -8.67 40.92 15.77
CA GLY B 457 -9.15 42.11 16.42
C GLY B 457 -8.21 42.60 17.51
N THR B 458 -8.51 43.79 18.01
CA THR B 458 -7.75 44.40 19.09
C THR B 458 -8.60 44.96 20.20
N LEU B 459 -9.91 45.09 20.00
CA LEU B 459 -10.77 45.62 21.05
C LEU B 459 -10.90 44.64 22.20
N ALA B 460 -10.83 45.16 23.42
CA ALA B 460 -10.97 44.32 24.61
C ALA B 460 -11.43 45.17 25.79
N PRO B 461 -12.69 45.61 25.83
CA PRO B 461 -13.16 46.41 26.95
C PRO B 461 -13.49 45.54 28.15
N THR B 462 -13.16 46.06 29.34
CA THR B 462 -13.46 45.35 30.58
C THR B 462 -14.91 45.45 31.00
N THR B 463 -15.70 46.30 30.33
CA THR B 463 -17.11 46.46 30.60
C THR B 463 -17.91 46.08 29.37
N LEU B 464 -18.90 45.20 29.54
CA LEU B 464 -19.71 44.73 28.43
C LEU B 464 -21.18 44.92 28.77
N GLN B 465 -21.91 45.59 27.87
CA GLN B 465 -23.35 45.78 28.08
C GLN B 465 -24.12 44.49 27.85
N GLY B 466 -23.61 43.61 27.00
CA GLY B 466 -24.30 42.37 26.69
C GLY B 466 -25.37 42.47 25.64
N VAL B 467 -25.49 43.61 24.95
CA VAL B 467 -26.49 43.78 23.91
C VAL B 467 -25.93 43.28 22.58
N VAL B 468 -26.70 42.43 21.91
CA VAL B 468 -26.34 41.87 20.62
C VAL B 468 -27.52 42.03 19.68
N LYS B 469 -27.28 42.59 18.50
CA LYS B 469 -28.32 42.74 17.51
C LYS B 469 -27.81 42.30 16.15
N PHE B 470 -28.71 41.75 15.35
CA PHE B 470 -28.43 41.32 13.99
C PHE B 470 -29.16 42.25 13.03
N GLN B 471 -28.52 42.60 11.93
CA GLN B 471 -29.11 43.50 10.94
C GLN B 471 -28.87 42.94 9.55
N ASP B 472 -29.95 42.54 8.88
CA ASP B 472 -30.00 42.05 7.49
C ASP B 472 -28.83 41.14 7.14
N VAL B 473 -28.56 40.18 8.02
CA VAL B 473 -27.46 39.27 7.84
C VAL B 473 -27.88 38.12 6.94
N SER B 474 -27.09 37.85 5.90
CA SER B 474 -27.29 36.71 5.02
C SER B 474 -26.00 35.92 4.97
N PHE B 475 -26.09 34.62 5.21
CA PHE B 475 -24.91 33.78 5.32
C PHE B 475 -25.09 32.52 4.48
N ALA B 476 -23.97 32.05 3.92
CA ALA B 476 -23.94 30.80 3.18
C ALA B 476 -22.63 30.07 3.51
N TYR B 477 -22.67 28.75 3.44
CA TYR B 477 -21.48 27.96 3.70
C TYR B 477 -20.50 28.10 2.54
N PRO B 478 -19.27 28.54 2.80
CA PRO B 478 -18.28 28.61 1.70
C PRO B 478 -17.95 27.27 1.08
N ASN B 479 -18.08 26.18 1.86
CA ASN B 479 -17.82 24.85 1.32
C ASN B 479 -18.83 24.48 0.24
N ARG B 480 -20.11 24.83 0.45
CA ARG B 480 -21.17 24.58 -0.52
C ARG B 480 -21.90 25.90 -0.77
N PRO B 481 -21.33 26.76 -1.61
CA PRO B 481 -21.97 28.07 -1.86
C PRO B 481 -23.21 27.96 -2.72
N ASP B 482 -23.81 29.11 -3.03
CA ASP B 482 -25.03 29.23 -3.83
C ASP B 482 -26.23 28.54 -3.18
N ARG B 483 -26.17 28.30 -1.87
CA ARG B 483 -27.27 27.73 -1.11
C ARG B 483 -27.48 28.61 0.12
N PRO B 484 -28.15 29.75 -0.04
CA PRO B 484 -28.28 30.70 1.09
C PRO B 484 -29.18 30.19 2.20
N VAL B 485 -28.57 29.84 3.34
CA VAL B 485 -29.36 29.40 4.49
C VAL B 485 -29.94 30.56 5.27
N LEU B 486 -29.43 31.77 5.08
CA LEU B 486 -29.98 32.96 5.71
C LEU B 486 -30.18 34.03 4.65
N LYS B 487 -31.29 34.76 4.76
CA LYS B 487 -31.61 35.85 3.82
C LYS B 487 -32.08 37.05 4.62
N GLY B 488 -31.14 37.93 4.97
CA GLY B 488 -31.48 39.19 5.62
C GLY B 488 -32.12 39.06 6.99
N LEU B 489 -31.58 38.18 7.83
CA LEU B 489 -32.11 38.01 9.18
C LEU B 489 -31.81 39.24 10.03
N THR B 490 -32.74 39.59 10.91
CA THR B 490 -32.59 40.78 11.75
C THR B 490 -33.33 40.58 13.06
N PHE B 491 -32.60 40.65 14.17
CA PHE B 491 -33.21 40.62 15.49
C PHE B 491 -32.23 41.25 16.48
N THR B 492 -32.76 41.65 17.64
CA THR B 492 -31.98 42.35 18.65
C THR B 492 -32.19 41.68 20.00
N LEU B 493 -31.09 41.31 20.66
CA LEU B 493 -31.14 40.75 21.99
C LEU B 493 -30.99 41.85 23.04
N ARG B 494 -31.32 41.51 24.28
CA ARG B 494 -31.23 42.43 25.40
C ARG B 494 -30.63 41.72 26.60
N PRO B 495 -29.95 42.45 27.50
CA PRO B 495 -29.37 41.77 28.67
C PRO B 495 -30.40 41.21 29.62
N GLY B 496 -31.39 42.00 30.03
CA GLY B 496 -32.39 41.55 30.97
C GLY B 496 -33.54 40.77 30.38
N GLU B 497 -33.57 40.57 29.07
CA GLU B 497 -34.66 39.89 28.39
C GLU B 497 -34.11 38.65 27.71
N VAL B 498 -34.74 37.50 27.99
CA VAL B 498 -34.30 36.25 27.36
C VAL B 498 -34.84 36.20 25.93
N THR B 499 -34.22 35.33 25.13
CA THR B 499 -34.67 35.18 23.74
C THR B 499 -34.72 33.70 23.39
N ALA B 500 -35.72 33.33 22.58
CA ALA B 500 -35.93 31.94 22.20
C ALA B 500 -36.12 31.81 20.69
N LEU B 501 -35.59 30.73 20.14
CA LEU B 501 -35.73 30.40 18.73
C LEU B 501 -36.32 29.00 18.62
N VAL B 502 -37.47 28.90 17.95
CA VAL B 502 -38.18 27.63 17.79
C VAL B 502 -38.32 27.32 16.31
N GLY B 503 -38.54 26.04 16.02
CA GLY B 503 -38.62 25.57 14.66
C GLY B 503 -37.39 24.80 14.25
N PRO B 504 -37.59 23.63 13.63
CA PRO B 504 -36.43 22.83 13.19
C PRO B 504 -35.54 23.54 12.17
N ASN B 505 -36.13 24.35 11.28
CA ASN B 505 -35.40 25.10 10.25
C ASN B 505 -34.57 24.19 9.35
N GLY B 506 -34.98 22.94 9.20
CA GLY B 506 -34.17 21.95 8.50
C GLY B 506 -32.82 21.76 9.15
N SER B 507 -32.78 21.75 10.49
CA SER B 507 -31.54 21.80 11.28
C SER B 507 -30.68 23.00 10.90
N GLY B 508 -31.32 24.11 10.56
CA GLY B 508 -30.65 25.35 10.22
C GLY B 508 -30.45 26.30 11.37
N LYS B 509 -30.74 25.88 12.60
CA LYS B 509 -30.52 26.74 13.76
C LYS B 509 -29.05 26.87 14.10
N SER B 510 -28.31 25.76 14.01
CA SER B 510 -26.91 25.73 14.45
C SER B 510 -26.01 26.66 13.65
N THR B 511 -26.45 27.14 12.49
CA THR B 511 -25.66 28.07 11.72
C THR B 511 -25.84 29.53 12.17
N VAL B 512 -26.81 29.81 13.04
CA VAL B 512 -26.89 31.16 13.59
C VAL B 512 -26.15 31.28 14.91
N ALA B 513 -25.92 30.18 15.61
CA ALA B 513 -25.07 30.22 16.79
C ALA B 513 -23.60 30.28 16.43
N ALA B 514 -23.22 29.64 15.32
CA ALA B 514 -21.81 29.59 14.95
C ALA B 514 -21.26 30.96 14.62
N LEU B 515 -22.02 31.78 13.89
CA LEU B 515 -21.55 33.12 13.58
C LEU B 515 -21.77 34.10 14.71
N LEU B 516 -22.47 33.70 15.77
CA LEU B 516 -22.52 34.50 16.98
C LEU B 516 -21.25 34.40 17.80
N GLN B 517 -20.50 33.31 17.65
CA GLN B 517 -19.24 33.11 18.35
C GLN B 517 -18.04 33.42 17.46
N ASN B 518 -18.26 34.12 16.35
CA ASN B 518 -17.22 34.50 15.39
C ASN B 518 -16.50 33.28 14.81
N LEU B 519 -17.21 32.16 14.68
CA LEU B 519 -16.66 31.01 13.98
C LEU B 519 -16.80 31.12 12.47
N TYR B 520 -17.60 32.06 11.98
CA TYR B 520 -17.78 32.29 10.56
C TYR B 520 -18.00 33.77 10.32
N GLN B 521 -17.78 34.19 9.09
CA GLN B 521 -18.02 35.58 8.78
C GLN B 521 -19.27 35.71 7.92
N PRO B 522 -20.14 36.68 8.21
CA PRO B 522 -21.36 36.83 7.42
C PRO B 522 -21.06 37.28 6.00
N THR B 523 -21.74 36.65 5.04
CA THR B 523 -21.59 37.03 3.64
C THR B 523 -22.29 38.34 3.31
N GLY B 524 -23.40 38.64 3.97
CA GLY B 524 -24.09 39.89 3.77
C GLY B 524 -24.49 40.48 5.10
N GLY B 525 -24.51 41.81 5.16
CA GLY B 525 -24.82 42.46 6.42
C GLY B 525 -23.65 42.37 7.40
N GLN B 526 -23.97 42.61 8.66
CA GLN B 526 -22.96 42.56 9.71
C GLN B 526 -23.63 42.29 11.04
N VAL B 527 -22.92 41.59 11.92
CA VAL B 527 -23.37 41.28 13.27
C VAL B 527 -22.45 42.00 14.24
N LEU B 528 -23.05 42.68 15.22
CA LEU B 528 -22.30 43.58 16.08
C LEU B 528 -22.63 43.35 17.54
N LEU B 529 -21.65 43.61 18.40
CA LEU B 529 -21.79 43.57 19.85
C LEU B 529 -21.38 44.92 20.40
N ASP B 530 -22.30 45.57 21.14
CA ASP B 530 -22.08 46.88 21.74
C ASP B 530 -21.63 47.91 20.70
N GLU B 531 -22.36 47.92 19.57
CA GLU B 531 -22.14 48.83 18.45
C GLU B 531 -20.77 48.67 17.80
N LYS B 532 -20.11 47.53 18.03
CA LYS B 532 -18.85 47.22 17.38
C LYS B 532 -18.98 45.86 16.69
N PRO B 533 -18.38 45.70 15.51
CA PRO B 533 -18.44 44.40 14.84
C PRO B 533 -17.73 43.33 15.66
N ILE B 534 -18.26 42.11 15.62
CA ILE B 534 -17.76 41.06 16.50
C ILE B 534 -16.38 40.56 16.07
N SER B 535 -15.95 40.87 14.85
CA SER B 535 -14.62 40.48 14.42
C SER B 535 -13.53 41.36 15.02
N GLN B 536 -13.89 42.53 15.56
CA GLN B 536 -12.92 43.44 16.15
C GLN B 536 -12.51 43.05 17.56
N TYR B 537 -13.20 42.10 18.18
CA TYR B 537 -12.86 41.70 19.53
C TYR B 537 -11.69 40.73 19.54
N GLU B 538 -11.00 40.67 20.67
CA GLU B 538 -9.88 39.76 20.83
C GLU B 538 -10.36 38.31 20.79
N HIS B 539 -9.55 37.44 20.20
CA HIS B 539 -9.93 36.03 20.04
C HIS B 539 -10.07 35.33 21.40
N CYS B 540 -9.16 35.60 22.32
CA CYS B 540 -9.15 34.91 23.61
C CYS B 540 -10.10 35.54 24.62
N TYR B 541 -10.75 36.64 24.28
CA TYR B 541 -11.63 37.36 25.19
C TYR B 541 -13.10 37.28 24.81
N LEU B 542 -13.41 37.38 23.51
CA LEU B 542 -14.79 37.29 23.05
C LEU B 542 -15.38 35.92 23.39
N HIS B 543 -14.61 34.85 23.16
CA HIS B 543 -15.09 33.53 23.55
C HIS B 543 -15.13 33.36 25.06
N SER B 544 -14.29 34.10 25.79
CA SER B 544 -14.35 34.05 27.24
C SER B 544 -15.59 34.73 27.78
N GLN B 545 -16.14 35.70 27.06
CA GLN B 545 -17.35 36.38 27.51
C GLN B 545 -18.62 35.82 26.87
N VAL B 546 -18.55 35.23 25.68
CA VAL B 546 -19.71 34.68 24.99
C VAL B 546 -19.50 33.18 24.88
N VAL B 547 -20.40 32.40 25.49
CA VAL B 547 -20.26 30.94 25.47
C VAL B 547 -21.55 30.31 24.98
N SER B 548 -21.41 29.06 24.52
CA SER B 548 -22.52 28.28 24.02
C SER B 548 -22.33 26.83 24.44
N VAL B 549 -23.44 26.11 24.53
CA VAL B 549 -23.42 24.67 24.73
C VAL B 549 -23.82 24.01 23.42
N GLY B 550 -23.11 22.95 23.06
CA GLY B 550 -23.40 22.27 21.82
C GLY B 550 -24.62 21.38 21.94
N GLN B 551 -25.20 21.05 20.77
CA GLN B 551 -26.25 20.04 20.74
C GLN B 551 -25.70 18.68 21.15
N GLU B 552 -24.50 18.36 20.69
CA GLU B 552 -23.79 17.16 21.13
C GLU B 552 -22.62 17.58 21.99
N PRO B 553 -22.67 17.37 23.31
CA PRO B 553 -21.55 17.77 24.17
C PRO B 553 -20.32 16.92 23.88
N VAL B 554 -19.20 17.59 23.64
CA VAL B 554 -17.93 16.95 23.30
C VAL B 554 -16.99 17.10 24.48
N LEU B 555 -16.42 15.98 24.92
CA LEU B 555 -15.52 15.96 26.05
C LEU B 555 -14.13 15.52 25.59
N PHE B 556 -13.13 15.85 26.40
CA PHE B 556 -11.75 15.52 26.09
C PHE B 556 -11.22 14.47 27.06
N SER B 557 -10.14 13.81 26.65
CA SER B 557 -9.63 12.64 27.36
C SER B 557 -8.99 12.97 28.69
N GLY B 558 -8.79 14.24 29.01
CA GLY B 558 -8.16 14.61 30.26
C GLY B 558 -9.06 14.37 31.46
N SER B 559 -8.65 14.98 32.57
CA SER B 559 -9.40 14.83 33.81
C SER B 559 -10.72 15.59 33.74
N VAL B 560 -11.61 15.28 34.69
CA VAL B 560 -12.90 15.97 34.77
C VAL B 560 -12.70 17.44 35.11
N ARG B 561 -11.75 17.74 36.01
CA ARG B 561 -11.42 19.12 36.30
C ARG B 561 -10.86 19.82 35.07
N ASN B 562 -10.07 19.11 34.27
CA ASN B 562 -9.55 19.69 33.03
C ASN B 562 -10.67 19.98 32.04
N ASN B 563 -11.65 19.08 31.94
CA ASN B 563 -12.76 19.30 31.02
C ASN B 563 -13.68 20.43 31.48
N ILE B 564 -13.92 20.55 32.79
CA ILE B 564 -14.76 21.62 33.28
C ILE B 564 -14.09 22.98 33.10
N ALA B 565 -12.80 23.06 33.47
CA ALA B 565 -12.04 24.29 33.35
C ALA B 565 -11.37 24.43 32.00
N TYR B 566 -11.94 23.81 30.97
CA TYR B 566 -11.36 23.87 29.63
C TYR B 566 -11.32 25.31 29.12
N GLY B 567 -10.22 25.65 28.45
CA GLY B 567 -10.04 26.98 27.92
C GLY B 567 -9.56 28.00 28.91
N LEU B 568 -9.31 27.60 30.16
CA LEU B 568 -8.83 28.50 31.20
C LEU B 568 -7.38 28.17 31.52
N GLN B 569 -6.51 29.17 31.42
CA GLN B 569 -5.08 28.92 31.61
C GLN B 569 -4.76 28.63 33.07
N SER B 570 -5.52 29.20 34.00
CA SER B 570 -5.31 28.97 35.43
C SER B 570 -6.54 29.44 36.18
N CYS B 571 -7.15 28.55 36.95
CA CYS B 571 -8.29 28.90 37.79
C CYS B 571 -8.23 28.09 39.07
N GLU B 572 -8.76 28.67 40.15
CA GLU B 572 -8.76 27.99 41.44
C GLU B 572 -9.71 26.80 41.41
N ASP B 573 -9.35 25.73 42.13
CA ASP B 573 -10.15 24.48 42.05
C ASP B 573 -11.56 24.68 42.62
N ASP B 574 -11.70 25.55 43.62
CA ASP B 574 -13.03 25.75 44.26
C ASP B 574 -13.98 26.31 43.21
N LYS B 575 -13.49 27.21 42.36
CA LYS B 575 -14.35 27.79 41.31
C LYS B 575 -14.83 26.69 40.35
N VAL B 576 -14.59 25.41 40.64
CA VAL B 576 -14.99 24.41 39.66
C VAL B 576 -16.31 23.76 40.05
N MET B 577 -16.40 23.21 41.26
CA MET B 577 -17.63 22.49 41.63
C MET B 577 -18.80 23.41 41.90
N ALA B 578 -18.58 24.72 41.97
CA ALA B 578 -19.70 25.65 42.08
C ALA B 578 -20.58 25.58 40.83
N ALA B 579 -19.95 25.51 39.65
CA ALA B 579 -20.71 25.34 38.42
C ALA B 579 -21.38 23.97 38.36
N ALA B 580 -20.70 22.93 38.86
CA ALA B 580 -21.28 21.60 38.87
C ALA B 580 -22.53 21.55 39.75
N GLN B 581 -22.48 22.21 40.91
CA GLN B 581 -23.68 22.37 41.72
C GLN B 581 -24.74 23.16 40.99
N ALA B 582 -24.32 24.21 40.27
CA ALA B 582 -25.26 24.98 39.47
C ALA B 582 -25.77 24.20 38.27
N ALA B 583 -25.04 23.18 37.82
CA ALA B 583 -25.45 22.37 36.68
C ALA B 583 -26.03 21.02 37.07
N HIS B 584 -26.31 20.82 38.36
CA HIS B 584 -26.83 19.56 38.91
C HIS B 584 -25.91 18.37 38.64
N ALA B 585 -24.63 18.62 38.40
CA ALA B 585 -23.66 17.57 38.14
C ALA B 585 -22.86 17.18 39.37
N ASP B 586 -23.11 17.81 40.51
CA ASP B 586 -22.36 17.50 41.72
C ASP B 586 -22.81 16.21 42.38
N ASP B 587 -23.91 15.60 41.92
CA ASP B 587 -24.38 14.36 42.51
C ASP B 587 -23.39 13.23 42.29
N PHE B 588 -22.85 13.11 41.07
CA PHE B 588 -21.86 12.08 40.78
C PHE B 588 -20.44 12.56 41.04
N ILE B 589 -20.26 13.84 41.40
CA ILE B 589 -18.94 14.32 41.79
C ILE B 589 -18.51 13.69 43.11
N GLN B 590 -19.41 13.70 44.10
CA GLN B 590 -19.12 13.06 45.38
C GLN B 590 -19.01 11.54 45.23
N GLU B 591 -19.89 10.95 44.41
CA GLU B 591 -19.91 9.49 44.25
C GLU B 591 -18.62 8.97 43.62
N MET B 592 -18.13 9.63 42.57
CA MET B 592 -16.97 9.15 41.86
C MET B 592 -15.75 9.48 42.71
N GLU B 593 -14.77 8.58 42.73
CA GLU B 593 -13.64 8.73 43.63
C GLU B 593 -12.74 9.90 43.23
N HIS B 594 -11.91 10.32 44.19
CA HIS B 594 -10.95 11.42 44.04
C HIS B 594 -11.60 12.76 43.72
N GLY B 595 -12.88 12.89 44.02
CA GLY B 595 -13.58 14.14 43.74
C GLY B 595 -13.66 14.42 42.26
N ILE B 596 -13.09 15.55 41.84
CA ILE B 596 -13.09 15.96 40.44
C ILE B 596 -11.80 15.63 39.73
N TYR B 597 -10.82 15.05 40.45
CA TYR B 597 -9.51 14.73 39.87
C TYR B 597 -9.50 13.36 39.23
N THR B 598 -10.66 12.85 38.81
CA THR B 598 -10.75 11.53 38.19
C THR B 598 -10.36 11.62 36.73
N ASP B 599 -10.63 10.55 35.97
CA ASP B 599 -10.37 10.51 34.55
C ASP B 599 -11.57 9.92 33.82
N VAL B 600 -11.68 10.26 32.54
CA VAL B 600 -12.72 9.75 31.66
C VAL B 600 -12.05 9.20 30.41
N GLY B 601 -12.81 8.39 29.67
CA GLY B 601 -12.31 7.86 28.43
C GLY B 601 -12.18 8.92 27.35
N GLU B 602 -11.49 8.57 26.27
CA GLU B 602 -11.28 9.50 25.18
C GLU B 602 -12.61 9.83 24.50
N LYS B 603 -12.86 11.13 24.33
CA LYS B 603 -14.10 11.67 23.79
C LYS B 603 -15.34 11.25 24.58
N GLY B 604 -15.16 10.79 25.81
CA GLY B 604 -16.28 10.36 26.64
C GLY B 604 -16.57 8.89 26.49
N SER B 605 -16.28 8.11 27.52
CA SER B 605 -16.55 6.68 27.46
C SER B 605 -17.37 6.17 28.63
N GLN B 606 -17.17 6.71 29.83
CA GLN B 606 -17.90 6.26 31.00
C GLN B 606 -19.16 7.06 31.26
N LEU B 607 -19.18 8.32 30.87
CA LEU B 607 -20.34 9.18 31.13
C LEU B 607 -21.43 8.96 30.09
N ALA B 608 -22.67 9.13 30.53
CA ALA B 608 -23.82 8.98 29.64
C ALA B 608 -24.17 10.32 29.00
N ALA B 609 -25.27 10.33 28.24
CA ALA B 609 -25.68 11.55 27.54
C ALA B 609 -26.07 12.65 28.52
N GLY B 610 -26.83 12.30 29.56
CA GLY B 610 -27.17 13.30 30.57
C GLY B 610 -25.95 13.79 31.33
N GLN B 611 -25.02 12.88 31.63
CA GLN B 611 -23.77 13.27 32.28
C GLN B 611 -22.97 14.22 31.40
N LYS B 612 -22.88 13.93 30.11
CA LYS B 612 -22.16 14.81 29.18
C LYS B 612 -22.84 16.17 29.09
N GLN B 613 -24.17 16.19 29.05
CA GLN B 613 -24.89 17.46 28.97
C GLN B 613 -24.67 18.30 30.23
N ARG B 614 -24.72 17.66 31.39
CA ARG B 614 -24.50 18.39 32.65
C ARG B 614 -23.07 18.90 32.74
N LEU B 615 -22.10 18.08 32.30
CA LEU B 615 -20.71 18.51 32.31
C LEU B 615 -20.49 19.69 31.37
N ALA B 616 -21.11 19.66 30.19
CA ALA B 616 -21.00 20.78 29.26
C ALA B 616 -21.64 22.04 29.82
N ILE B 617 -22.79 21.89 30.49
CA ILE B 617 -23.46 23.05 31.10
C ILE B 617 -22.58 23.65 32.17
N ALA B 618 -21.96 22.82 33.01
CA ALA B 618 -21.05 23.33 34.02
C ALA B 618 -19.83 23.99 33.39
N ARG B 619 -19.34 23.44 32.28
CA ARG B 619 -18.22 24.04 31.56
C ARG B 619 -18.58 25.43 31.06
N ALA B 620 -19.79 25.59 30.55
CA ALA B 620 -20.23 26.92 30.11
C ALA B 620 -20.43 27.85 31.30
N LEU B 621 -20.92 27.32 32.43
CA LEU B 621 -21.28 28.15 33.56
C LEU B 621 -20.07 28.65 34.35
N VAL B 622 -18.98 27.88 34.37
CA VAL B 622 -17.85 28.24 35.23
C VAL B 622 -17.18 29.53 34.75
N ARG B 623 -17.27 29.85 33.46
CA ARG B 623 -16.57 31.00 32.91
C ARG B 623 -17.22 32.34 33.26
N ASP B 624 -18.43 32.33 33.84
CA ASP B 624 -19.23 33.53 34.12
C ASP B 624 -19.39 34.37 32.86
N PRO B 625 -20.18 33.92 31.90
CA PRO B 625 -20.22 34.56 30.58
C PRO B 625 -21.18 35.74 30.56
N ARG B 626 -21.25 36.37 29.39
CA ARG B 626 -22.18 37.47 29.16
C ARG B 626 -23.27 37.15 28.15
N VAL B 627 -22.97 36.32 27.15
CA VAL B 627 -23.97 35.86 26.19
C VAL B 627 -23.97 34.34 26.24
N LEU B 628 -25.05 33.76 26.76
CA LEU B 628 -25.18 32.33 26.92
C LEU B 628 -26.10 31.77 25.86
N ILE B 629 -25.59 30.87 25.04
CA ILE B 629 -26.37 30.24 23.98
C ILE B 629 -26.64 28.80 24.41
N LEU B 630 -27.91 28.47 24.62
CA LEU B 630 -28.33 27.13 24.98
C LEU B 630 -28.95 26.44 23.77
N ASP B 631 -28.59 25.18 23.57
CA ASP B 631 -29.06 24.37 22.45
C ASP B 631 -29.82 23.16 22.99
N GLU B 632 -31.11 23.35 23.26
CA GLU B 632 -32.02 22.29 23.71
C GLU B 632 -31.51 21.62 24.99
N ALA B 633 -31.42 22.42 26.05
CA ALA B 633 -30.94 21.90 27.33
C ALA B 633 -31.95 20.96 27.98
N THR B 634 -33.22 21.36 28.01
CA THR B 634 -34.25 20.54 28.65
C THR B 634 -34.76 19.43 27.74
N SER B 635 -34.42 19.47 26.45
CA SER B 635 -34.89 18.45 25.52
C SER B 635 -34.25 17.08 25.80
N ALA B 636 -33.06 17.06 26.39
CA ALA B 636 -32.38 15.81 26.73
C ALA B 636 -32.36 15.54 28.22
N LEU B 637 -31.98 16.52 29.02
CA LEU B 637 -31.92 16.37 30.47
C LEU B 637 -33.24 16.82 31.09
N ASP B 638 -33.26 16.92 32.42
CA ASP B 638 -34.45 17.38 33.11
C ASP B 638 -34.67 18.87 32.91
N VAL B 639 -35.93 19.27 32.88
CA VAL B 639 -36.27 20.68 32.72
C VAL B 639 -35.92 21.50 33.96
N GLN B 640 -35.75 20.84 35.11
CA GLN B 640 -35.35 21.54 36.33
C GLN B 640 -33.96 22.13 36.18
N CYS B 641 -33.05 21.40 35.55
CA CYS B 641 -31.72 21.94 35.29
C CYS B 641 -31.77 23.15 34.37
N GLU B 642 -32.63 23.10 33.35
CA GLU B 642 -32.79 24.26 32.46
C GLU B 642 -33.38 25.45 33.20
N GLN B 643 -34.35 25.21 34.08
CA GLN B 643 -34.92 26.30 34.87
C GLN B 643 -33.90 26.90 35.82
N ALA B 644 -33.05 26.05 36.43
CA ALA B 644 -31.99 26.56 37.29
C ALA B 644 -30.97 27.38 36.50
N LEU B 645 -30.62 26.92 35.30
CA LEU B 645 -29.70 27.67 34.44
C LEU B 645 -30.30 29.01 34.03
N GLN B 646 -31.60 29.03 33.73
CA GLN B 646 -32.27 30.28 33.43
C GLN B 646 -32.40 31.18 34.65
N ASP B 647 -32.34 30.60 35.86
CA ASP B 647 -32.33 31.36 37.09
C ASP B 647 -30.95 31.50 37.70
N TRP B 648 -29.91 31.07 36.99
CA TRP B 648 -28.56 31.08 37.53
C TRP B 648 -27.94 32.48 37.40
N ASN B 649 -26.68 32.59 37.80
CA ASN B 649 -25.96 33.86 37.71
C ASN B 649 -25.70 34.26 36.27
N SER B 650 -25.48 33.28 35.38
CA SER B 650 -25.23 33.57 33.98
C SER B 650 -26.49 34.02 33.24
N ARG B 651 -27.66 33.91 33.87
CA ARG B 651 -28.91 34.37 33.27
C ARG B 651 -29.60 35.42 34.13
N GLY B 652 -28.87 36.04 35.05
CA GLY B 652 -29.43 37.09 35.88
C GLY B 652 -29.49 38.42 35.17
N ASP B 653 -28.32 38.96 34.78
CA ASP B 653 -28.24 40.21 34.04
C ASP B 653 -27.49 40.04 32.73
N ARG B 654 -27.51 38.83 32.16
CA ARG B 654 -26.78 38.54 30.95
C ARG B 654 -27.74 38.03 29.87
N THR B 655 -27.40 38.32 28.62
CA THR B 655 -28.21 37.90 27.49
C THR B 655 -28.14 36.39 27.32
N VAL B 656 -29.29 35.74 27.19
CA VAL B 656 -29.35 34.31 26.95
C VAL B 656 -30.30 34.02 25.78
N LEU B 657 -29.82 33.22 24.84
CA LEU B 657 -30.58 32.79 23.67
C LEU B 657 -30.69 31.28 23.71
N VAL B 658 -31.92 30.77 23.71
CA VAL B 658 -32.18 29.34 23.82
C VAL B 658 -32.85 28.87 22.53
N ILE B 659 -32.35 27.76 21.98
CA ILE B 659 -32.91 27.15 20.79
C ILE B 659 -33.65 25.89 21.19
N ALA B 660 -34.89 25.77 20.75
CA ALA B 660 -35.72 24.62 21.09
C ALA B 660 -36.45 24.12 19.86
N HIS B 661 -36.79 22.83 19.88
CA HIS B 661 -37.56 22.21 18.81
C HIS B 661 -39.06 22.22 19.08
N ARG B 662 -39.49 22.82 20.19
CA ARG B 662 -40.91 22.88 20.53
C ARG B 662 -41.16 24.18 21.28
N LEU B 663 -42.45 24.53 21.39
CA LEU B 663 -42.87 25.76 22.05
C LEU B 663 -42.93 25.63 23.57
N GLN B 664 -42.45 24.51 24.13
CA GLN B 664 -42.46 24.33 25.58
C GLN B 664 -41.57 25.32 26.30
N THR B 665 -40.58 25.90 25.62
CA THR B 665 -39.77 26.94 26.21
C THR B 665 -40.48 28.29 26.29
N VAL B 666 -41.68 28.39 25.70
CA VAL B 666 -42.39 29.66 25.68
C VAL B 666 -42.94 30.04 27.05
N GLN B 667 -42.97 29.10 28.01
CA GLN B 667 -43.48 29.41 29.34
C GLN B 667 -42.54 30.36 30.09
N ARG B 668 -41.24 30.32 29.79
CA ARG B 668 -40.29 31.22 30.40
C ARG B 668 -39.76 32.28 29.45
N ALA B 669 -39.92 32.09 28.14
CA ALA B 669 -39.32 32.99 27.17
C ALA B 669 -40.06 34.32 27.12
N HIS B 670 -39.30 35.39 26.90
CA HIS B 670 -39.84 36.73 26.74
C HIS B 670 -40.17 37.02 25.28
N GLN B 671 -39.16 36.92 24.41
CA GLN B 671 -39.29 37.14 22.98
C GLN B 671 -38.98 35.85 22.24
N ILE B 672 -39.91 35.42 21.40
CA ILE B 672 -39.82 34.16 20.68
C ILE B 672 -39.84 34.44 19.19
N LEU B 673 -38.86 33.90 18.46
CA LEU B 673 -38.79 34.04 17.02
C LEU B 673 -38.76 32.65 16.40
N VAL B 674 -39.68 32.40 15.48
CA VAL B 674 -39.66 31.15 14.73
C VAL B 674 -38.72 31.32 13.53
N LEU B 675 -38.14 30.20 13.09
CA LEU B 675 -37.22 30.21 11.97
C LEU B 675 -37.55 29.03 11.06
N GLN B 676 -38.12 29.31 9.90
CA GLN B 676 -38.40 28.31 8.89
C GLN B 676 -37.87 28.80 7.55
N GLU B 677 -37.43 27.84 6.72
CA GLU B 677 -36.87 28.07 5.38
C GLU B 677 -35.77 29.14 5.37
N GLY B 678 -35.10 29.33 6.49
CA GLY B 678 -34.06 30.33 6.60
C GLY B 678 -34.55 31.75 6.75
N LYS B 679 -35.79 31.94 7.23
CA LYS B 679 -36.36 33.26 7.37
C LYS B 679 -37.03 33.39 8.74
N LEU B 680 -37.19 34.64 9.17
CA LEU B 680 -37.75 34.95 10.48
C LEU B 680 -39.27 35.01 10.39
N GLN B 681 -39.91 35.52 11.43
CA GLN B 681 -41.37 35.62 11.51
C GLN B 681 -41.96 36.51 10.42
#